data_5TOY
#
_entry.id   5TOY
#
_cell.length_a   45.012
_cell.length_b   106.787
_cell.length_c   47.759
_cell.angle_alpha   90.00
_cell.angle_beta   101.76
_cell.angle_gamma   90.00
#
_symmetry.space_group_name_H-M   'P 1 21 1'
#
loop_
_entity.id
_entity.type
_entity.pdbx_description
1 polymer Beta-lactamase
2 branched beta-D-fructofuranose-(2-1)-alpha-D-glucopyranose
3 non-polymer 'POTASSIUM ION'
4 non-polymer 'PHOSPHATE ION'
5 non-polymer [(1,2,3,4,5-eta)-1-(4-{[carboxy(4-carboxy-5,5-dimethyl-1,3-thiazolidin-2-yl)methyl]amino}-4-oxobutanoyl)cyclopentadienyl][(1,2,3,4,5-eta)-cyclopentadienyl]ruthenium
6 non-polymer [(1,2,3,4,5-eta)-1-(4-{[(4-carboxy-5,5-dimethyl-1,3-thiazolidin-2-yl)methyl]amino}-4-oxobutanoyl)cyclopentadienyl][(1,2,3,4,5-eta)-cyclopentadienyl]ruthenium
7 non-polymer 'RUTHENIUM ION'
8 water water
#
_entity_poly.entity_id   1
_entity_poly.type   'polypeptide(L)'
_entity_poly.pdbx_seq_one_letter_code
;QTSAVQQKLAALEKSSGGRLGVALIDTADNTQVLYRGDERFPMCSTSKVMAAAAVLKQSETQKQLLNQPVEIKPADLVNY
NPIAEKHVNGTMTLAELSAAALQYSDNTAMNKLIAQLGGPGGVTAFARAIGDETFRLDRTAPTLNTAIPGDPRDTTTPRA
MAQTLRQLTLGHALGETQRAQLVTWLKGNTTGAASIRAGLPTSWTVGDKTGSGDYGTTNDIAVIWPQGRAPLVLVTYFTQ
PQQNAESRRDVLASAARIIAEGL
;
_entity_poly.pdbx_strand_id   A,B
#
loop_
_chem_comp.id
_chem_comp.type
_chem_comp.name
_chem_comp.formula
FRU D-saccharide, beta linking beta-D-fructofuranose 'C6 H12 O6'
GLC D-saccharide, alpha linking alpha-D-glucopyranose 'C6 H12 O6'
JSC non-polymer [(1,2,3,4,5-eta)-1-(4-{[carboxy(4-carboxy-5,5-dimethyl-1,3-thiazolidin-2-yl)methyl]amino}-4-oxobutanoyl)cyclopentadienyl][(1,2,3,4,5-eta)-cyclopentadienyl]ruthenium 'C22 H17 N2 O6 Ru S'
JSD non-polymer [(1,2,3,4,5-eta)-1-(4-{[(4-carboxy-5,5-dimethyl-1,3-thiazolidin-2-yl)methyl]amino}-4-oxobutanoyl)cyclopentadienyl][(1,2,3,4,5-eta)-cyclopentadienyl]ruthenium 'C21 H17 N2 O4 Ru S'
K non-polymer 'POTASSIUM ION' 'K 1'
PO4 non-polymer 'PHOSPHATE ION' 'O4 P -3'
RU non-polymer 'RUTHENIUM ION' 'Ru 3'
#
# COMPACT_ATOMS: atom_id res chain seq x y z
N GLN A 1 2.73 -0.35 -6.14
CA GLN A 1 2.41 -1.46 -5.19
C GLN A 1 0.94 -1.39 -4.73
N THR A 2 0.36 -2.53 -4.37
N THR A 2 0.38 -2.53 -4.33
CA THR A 2 -0.92 -2.55 -3.70
CA THR A 2 -0.93 -2.54 -3.68
C THR A 2 -0.74 -2.99 -2.23
C THR A 2 -0.82 -3.02 -2.24
N SER A 3 -1.10 -2.11 -1.30
CA SER A 3 -1.01 -2.40 0.12
C SER A 3 -2.18 -3.26 0.59
N ALA A 4 -2.08 -3.78 1.81
CA ALA A 4 -3.19 -4.50 2.40
C ALA A 4 -4.42 -3.61 2.52
N VAL A 5 -4.23 -2.36 2.92
CA VAL A 5 -5.36 -1.44 3.04
C VAL A 5 -5.99 -1.21 1.67
N GLN A 6 -5.17 -1.00 0.64
CA GLN A 6 -5.72 -0.82 -0.69
C GLN A 6 -6.49 -2.08 -1.16
N GLN A 7 -5.97 -3.25 -0.82
N GLN A 7 -6.02 -3.27 -0.83
CA GLN A 7 -6.64 -4.52 -1.10
CA GLN A 7 -6.76 -4.48 -1.23
C GLN A 7 -8.03 -4.56 -0.50
C GLN A 7 -8.10 -4.62 -0.51
N LYS A 8 -8.12 -4.22 0.77
N LYS A 8 -8.14 -4.23 0.75
CA LYS A 8 -9.41 -4.19 1.46
CA LYS A 8 -9.40 -4.18 1.48
C LYS A 8 -10.36 -3.15 0.87
C LYS A 8 -10.35 -3.16 0.87
N LEU A 9 -9.85 -1.98 0.54
CA LEU A 9 -10.70 -0.97 -0.12
C LEU A 9 -11.21 -1.45 -1.48
N ALA A 10 -10.38 -2.18 -2.21
CA ALA A 10 -10.81 -2.74 -3.50
C ALA A 10 -11.91 -3.81 -3.33
N ALA A 11 -11.81 -4.58 -2.25
CA ALA A 11 -12.83 -5.60 -1.94
C ALA A 11 -14.16 -4.92 -1.54
N LEU A 12 -14.07 -3.85 -0.76
CA LEU A 12 -15.25 -3.05 -0.43
C LEU A 12 -15.88 -2.51 -1.68
N GLU A 13 -15.05 -1.92 -2.53
CA GLU A 13 -15.55 -1.31 -3.75
C GLU A 13 -16.27 -2.38 -4.60
N LYS A 14 -15.61 -3.52 -4.78
N LYS A 14 -15.67 -3.55 -4.75
CA LYS A 14 -16.15 -4.65 -5.52
CA LYS A 14 -16.30 -4.55 -5.61
C LYS A 14 -17.61 -4.89 -5.13
C LYS A 14 -17.65 -5.03 -5.07
N SER A 15 -17.84 -5.14 -3.85
N SER A 15 -17.78 -5.11 -3.75
CA SER A 15 -19.16 -5.54 -3.39
CA SER A 15 -19.06 -5.47 -3.14
C SER A 15 -20.17 -4.40 -3.52
C SER A 15 -20.10 -4.35 -3.15
N SER A 16 -19.68 -3.15 -3.49
CA SER A 16 -20.55 -1.97 -3.40
C SER A 16 -21.27 -1.72 -4.72
N GLY A 17 -20.65 -2.23 -5.77
N GLY A 17 -20.76 -2.23 -5.82
CA GLY A 17 -21.05 -1.99 -7.17
CA GLY A 17 -21.29 -1.84 -7.13
C GLY A 17 -20.68 -0.64 -7.78
C GLY A 17 -21.25 -0.33 -7.38
N GLY A 18 -20.14 0.28 -6.98
CA GLY A 18 -19.82 1.62 -7.46
C GLY A 18 -18.32 1.84 -7.59
N ARG A 19 -17.93 3.10 -7.55
CA ARG A 19 -16.53 3.51 -7.69
C ARG A 19 -16.20 4.34 -6.47
N LEU A 20 -15.16 3.92 -5.77
CA LEU A 20 -14.73 4.49 -4.48
C LEU A 20 -13.40 5.21 -4.67
N GLY A 21 -13.29 6.39 -4.05
CA GLY A 21 -12.04 7.13 -3.99
C GLY A 21 -11.71 7.51 -2.58
N VAL A 22 -10.47 7.28 -2.17
CA VAL A 22 -10.05 7.53 -0.79
C VAL A 22 -8.69 8.21 -0.79
N ALA A 23 -8.52 9.22 0.08
CA ALA A 23 -7.19 9.74 0.37
C ALA A 23 -7.13 10.06 1.83
N LEU A 24 -6.11 9.49 2.48
CA LEU A 24 -5.74 9.77 3.87
C LEU A 24 -4.41 10.48 3.91
N ILE A 25 -4.32 11.53 4.71
CA ILE A 25 -3.01 12.05 5.15
C ILE A 25 -2.94 11.88 6.66
N ASP A 26 -1.90 11.18 7.13
CA ASP A 26 -1.67 11.06 8.57
C ASP A 26 -0.59 12.07 8.95
N THR A 27 -0.97 13.09 9.70
CA THR A 27 0.00 14.16 10.02
C THR A 27 1.02 13.74 11.08
N ALA A 28 0.91 12.54 11.66
CA ALA A 28 1.96 12.02 12.54
C ALA A 28 3.29 11.92 11.77
N ASP A 29 3.20 11.54 10.49
CA ASP A 29 4.40 11.27 9.68
C ASP A 29 4.28 11.82 8.24
N ASN A 30 3.18 12.49 7.92
CA ASN A 30 2.85 12.94 6.56
C ASN A 30 2.68 11.87 5.51
N THR A 31 2.50 10.63 5.94
CA THR A 31 2.25 9.57 5.00
C THR A 31 0.81 9.55 4.50
N GLN A 32 0.63 8.83 3.41
N GLN A 32 0.62 8.87 3.39
CA GLN A 32 -0.61 8.86 2.69
CA GLN A 32 -0.63 8.98 2.64
C GLN A 32 -1.09 7.44 2.49
C GLN A 32 -1.07 7.59 2.23
N VAL A 33 -2.39 7.34 2.27
CA VAL A 33 -2.94 6.14 1.69
C VAL A 33 -3.96 6.63 0.68
N LEU A 34 -3.85 6.11 -0.54
CA LEU A 34 -4.68 6.53 -1.65
C LEU A 34 -5.34 5.32 -2.28
N TYR A 35 -6.61 5.48 -2.67
CA TYR A 35 -7.30 4.48 -3.49
C TYR A 35 -8.04 5.25 -4.56
N ARG A 36 -7.71 5.01 -5.83
CA ARG A 36 -8.15 5.86 -6.94
C ARG A 36 -7.91 7.33 -6.60
N GLY A 37 -6.72 7.61 -6.06
CA GLY A 37 -6.46 8.93 -5.52
C GLY A 37 -6.30 10.02 -6.55
N ASP A 38 -5.99 9.64 -7.79
CA ASP A 38 -5.86 10.58 -8.90
C ASP A 38 -6.97 10.51 -9.93
N GLU A 39 -8.04 9.79 -9.61
CA GLU A 39 -9.23 9.81 -10.46
C GLU A 39 -10.15 10.95 -10.03
N ARG A 40 -10.86 11.52 -10.97
CA ARG A 40 -11.82 12.57 -10.67
C ARG A 40 -13.14 12.01 -10.19
N PHE A 41 -13.71 12.72 -9.23
CA PHE A 41 -15.04 12.39 -8.67
C PHE A 41 -15.84 13.69 -8.55
N PRO A 42 -17.16 13.61 -8.69
CA PRO A 42 -17.99 14.77 -8.45
C PRO A 42 -18.03 15.12 -6.97
N MET A 43 -17.69 16.36 -6.63
CA MET A 43 -17.59 16.78 -5.23
C MET A 43 -18.94 16.89 -4.54
N CYS A 44 -19.96 17.26 -5.30
CA CYS A 44 -21.25 17.63 -4.72
C CYS A 44 -21.01 18.62 -3.58
N SER A 45 -21.76 18.56 -2.49
N SER A 45 -21.74 18.42 -2.49
CA SER A 45 -21.67 19.63 -1.51
CA SER A 45 -21.81 19.35 -1.38
C SER A 45 -20.41 19.64 -0.67
C SER A 45 -20.45 19.62 -0.72
N THR A 46 -19.50 18.71 -0.90
CA THR A 46 -18.20 18.86 -0.27
C THR A 46 -17.47 20.12 -0.76
N SER A 47 -17.88 20.64 -1.93
CA SER A 47 -17.33 21.88 -2.44
C SER A 47 -17.67 23.09 -1.59
N LYS A 48 -18.61 22.97 -0.68
N LYS A 48 -18.62 22.95 -0.68
CA LYS A 48 -18.92 24.10 0.19
CA LYS A 48 -18.99 24.04 0.23
C LYS A 48 -17.77 24.48 1.09
C LYS A 48 -17.84 24.44 1.16
N VAL A 49 -16.93 23.53 1.45
CA VAL A 49 -15.74 23.86 2.23
C VAL A 49 -14.87 24.89 1.52
N MET A 50 -14.62 24.69 0.23
N MET A 50 -14.69 24.72 0.22
CA MET A 50 -13.76 25.61 -0.50
CA MET A 50 -13.82 25.59 -0.54
C MET A 50 -14.41 26.98 -0.59
C MET A 50 -14.41 26.98 -0.64
N ALA A 51 -15.73 27.04 -0.81
CA ALA A 51 -16.42 28.34 -0.90
C ALA A 51 -16.39 29.09 0.43
N ALA A 52 -16.68 28.40 1.52
CA ALA A 52 -16.61 29.04 2.83
C ALA A 52 -15.19 29.52 3.12
N ALA A 53 -14.21 28.68 2.83
CA ALA A 53 -12.81 29.05 3.04
C ALA A 53 -12.40 30.26 2.22
N ALA A 54 -12.87 30.35 0.99
CA ALA A 54 -12.56 31.51 0.15
C ALA A 54 -13.09 32.82 0.76
N VAL A 55 -14.29 32.76 1.33
CA VAL A 55 -14.85 33.93 1.99
C VAL A 55 -14.09 34.25 3.27
N LEU A 56 -13.69 33.24 4.02
CA LEU A 56 -12.81 33.44 5.16
C LEU A 56 -11.53 34.15 4.73
N LYS A 57 -10.92 33.72 3.64
CA LYS A 57 -9.72 34.36 3.15
C LYS A 57 -9.99 35.83 2.83
N GLN A 58 -11.11 36.15 2.19
CA GLN A 58 -11.45 37.56 1.93
C GLN A 58 -11.59 38.32 3.22
N SER A 59 -12.10 37.67 4.28
CA SER A 59 -12.30 38.37 5.55
C SER A 59 -11.00 38.72 6.25
N GLU A 60 -9.88 38.18 5.79
CA GLU A 60 -8.59 38.53 6.40
C GLU A 60 -8.25 39.99 6.14
N THR A 61 -8.74 40.52 5.03
CA THR A 61 -8.48 41.94 4.68
C THR A 61 -9.72 42.82 4.80
N GLN A 62 -10.78 42.28 5.37
CA GLN A 62 -12.01 43.02 5.69
C GLN A 62 -12.60 42.52 6.98
N LYS A 63 -12.07 43.05 8.08
N LYS A 63 -12.31 43.18 8.08
CA LYS A 63 -12.54 42.75 9.43
CA LYS A 63 -12.64 42.66 9.40
C LYS A 63 -13.99 42.33 9.40
C LYS A 63 -14.16 42.60 9.69
N GLN A 64 -14.83 43.20 8.84
N GLN A 64 -14.97 43.37 8.95
CA GLN A 64 -16.28 43.27 9.07
CA GLN A 64 -16.41 43.28 9.13
C GLN A 64 -17.07 42.45 8.05
C GLN A 64 -17.09 42.30 8.16
N LEU A 65 -16.35 41.77 7.18
CA LEU A 65 -16.99 41.08 6.05
C LEU A 65 -17.99 40.00 6.52
N LEU A 66 -17.65 39.29 7.57
CA LEU A 66 -18.52 38.20 8.00
C LEU A 66 -19.80 38.72 8.62
N ASN A 67 -19.90 40.02 8.92
CA ASN A 67 -21.11 40.59 9.45
C ASN A 67 -21.90 41.29 8.35
N GLN A 68 -21.42 41.26 7.11
CA GLN A 68 -22.11 41.87 5.98
C GLN A 68 -23.44 41.16 5.68
N PRO A 69 -24.53 41.93 5.57
CA PRO A 69 -25.80 41.30 5.28
C PRO A 69 -25.97 41.05 3.80
N VAL A 70 -26.63 39.95 3.51
CA VAL A 70 -26.96 39.56 2.16
C VAL A 70 -28.46 39.31 2.12
N GLU A 71 -29.12 39.90 1.13
N GLU A 71 -29.12 39.90 1.13
CA GLU A 71 -30.56 39.80 0.98
CA GLU A 71 -30.57 39.80 1.01
C GLU A 71 -30.91 38.40 0.50
C GLU A 71 -30.90 38.40 0.53
N ILE A 72 -31.94 37.81 1.11
CA ILE A 72 -32.47 36.52 0.65
C ILE A 72 -33.86 36.80 0.10
N LYS A 73 -34.03 36.55 -1.19
N LYS A 73 -34.06 36.54 -1.19
CA LYS A 73 -35.32 36.78 -1.85
CA LYS A 73 -35.34 36.81 -1.80
C LYS A 73 -36.03 35.46 -2.08
C LYS A 73 -36.01 35.51 -2.21
N PRO A 74 -37.35 35.50 -2.27
CA PRO A 74 -38.04 34.25 -2.58
C PRO A 74 -37.43 33.52 -3.74
N ALA A 75 -37.04 34.27 -4.77
CA ALA A 75 -36.44 33.67 -5.95
C ALA A 75 -35.09 32.98 -5.71
N ASP A 76 -34.45 33.25 -4.57
CA ASP A 76 -33.15 32.67 -4.27
C ASP A 76 -33.26 31.23 -3.78
N LEU A 77 -34.43 30.84 -3.29
CA LEU A 77 -34.59 29.52 -2.69
C LEU A 77 -34.47 28.49 -3.81
N VAL A 78 -33.74 27.42 -3.53
CA VAL A 78 -33.53 26.33 -4.49
C VAL A 78 -34.11 25.07 -3.87
N ASN A 79 -33.43 23.94 -3.94
CA ASN A 79 -34.05 22.66 -3.64
C ASN A 79 -33.93 22.27 -2.17
N TYR A 80 -33.01 22.89 -1.45
CA TYR A 80 -32.71 22.47 -0.09
C TYR A 80 -32.12 23.64 0.64
N ASN A 81 -32.97 24.24 1.48
N ASN A 81 -32.90 24.29 1.48
CA ASN A 81 -32.74 25.58 2.06
CA ASN A 81 -32.37 25.48 2.09
C ASN A 81 -33.25 25.66 3.50
C ASN A 81 -33.06 25.68 3.42
N PRO A 82 -32.82 24.75 4.35
CA PRO A 82 -33.44 24.69 5.67
C PRO A 82 -33.23 25.93 6.51
N ILE A 83 -32.12 26.65 6.30
CA ILE A 83 -31.88 27.87 7.07
C ILE A 83 -32.34 29.11 6.29
N ALA A 84 -31.98 29.20 5.01
CA ALA A 84 -32.31 30.40 4.24
C ALA A 84 -33.82 30.65 4.14
N GLU A 85 -34.63 29.59 4.11
CA GLU A 85 -36.04 29.83 3.89
C GLU A 85 -36.67 30.60 5.06
N LYS A 86 -36.05 30.57 6.21
CA LYS A 86 -36.54 31.33 7.36
C LYS A 86 -36.26 32.81 7.24
N HIS A 87 -35.42 33.18 6.27
N HIS A 87 -35.43 33.19 6.28
CA HIS A 87 -34.92 34.55 6.16
CA HIS A 87 -34.96 34.57 6.17
C HIS A 87 -35.32 35.20 4.85
C HIS A 87 -35.27 35.16 4.80
N VAL A 88 -36.23 34.58 4.13
N VAL A 88 -36.19 34.55 4.08
CA VAL A 88 -36.70 35.13 2.88
CA VAL A 88 -36.67 35.15 2.86
C VAL A 88 -37.34 36.48 3.15
C VAL A 88 -37.27 36.52 3.18
N ASN A 89 -37.11 37.44 2.25
CA ASN A 89 -37.46 38.85 2.45
C ASN A 89 -36.74 39.49 3.62
N GLY A 90 -35.64 38.88 4.02
CA GLY A 90 -34.79 39.37 5.06
C GLY A 90 -33.35 39.22 4.62
N THR A 91 -32.47 39.15 5.61
CA THR A 91 -31.02 39.09 5.34
C THR A 91 -30.35 38.03 6.20
N MET A 92 -29.19 37.56 5.74
CA MET A 92 -28.29 36.72 6.53
C MET A 92 -26.90 37.32 6.35
N THR A 93 -26.07 37.26 7.39
CA THR A 93 -24.69 37.70 7.22
C THR A 93 -23.88 36.59 6.53
N LEU A 94 -22.72 36.96 6.01
CA LEU A 94 -21.81 35.99 5.42
C LEU A 94 -21.34 34.95 6.41
N ALA A 95 -21.21 35.28 7.69
CA ALA A 95 -20.98 34.23 8.68
C ALA A 95 -22.17 33.27 8.82
N GLU A 96 -23.38 33.80 8.84
CA GLU A 96 -24.56 32.96 8.94
C GLU A 96 -24.70 32.05 7.71
N LEU A 97 -24.38 32.59 6.53
CA LEU A 97 -24.44 31.83 5.30
C LEU A 97 -23.38 30.73 5.29
N SER A 98 -22.20 31.04 5.78
CA SER A 98 -21.11 30.05 5.83
C SER A 98 -21.48 28.91 6.80
N ALA A 99 -22.02 29.27 7.96
CA ALA A 99 -22.43 28.27 8.93
C ALA A 99 -23.54 27.42 8.37
N ALA A 100 -24.53 28.03 7.71
CA ALA A 100 -25.67 27.29 7.16
C ALA A 100 -25.20 26.34 6.05
N ALA A 101 -24.32 26.82 5.17
CA ALA A 101 -23.80 25.98 4.09
C ALA A 101 -23.07 24.79 4.68
N LEU A 102 -22.17 25.03 5.62
CA LEU A 102 -21.30 23.96 6.11
C LEU A 102 -22.01 23.02 7.04
N GLN A 103 -22.80 23.53 7.97
CA GLN A 103 -23.36 22.68 9.03
C GLN A 103 -24.71 22.08 8.71
N TYR A 104 -25.45 22.69 7.79
CA TYR A 104 -26.77 22.20 7.39
C TYR A 104 -26.83 21.89 5.88
N SER A 105 -25.76 22.16 5.16
CA SER A 105 -25.69 21.94 3.69
C SER A 105 -26.79 22.71 2.97
N ASP A 106 -27.04 23.94 3.40
CA ASP A 106 -28.04 24.81 2.77
C ASP A 106 -27.52 25.30 1.40
N ASN A 107 -28.28 24.99 0.36
CA ASN A 107 -27.85 25.31 -1.01
C ASN A 107 -28.03 26.79 -1.36
N THR A 108 -29.06 27.46 -0.85
CA THR A 108 -29.17 28.89 -1.06
C THR A 108 -27.97 29.57 -0.44
N ALA A 109 -27.57 29.14 0.77
CA ALA A 109 -26.42 29.73 1.41
C ALA A 109 -25.15 29.53 0.59
N MET A 110 -24.95 28.33 0.06
CA MET A 110 -23.81 28.11 -0.84
C MET A 110 -23.86 29.07 -2.02
N ASN A 111 -25.02 29.25 -2.62
CA ASN A 111 -25.11 30.13 -3.79
C ASN A 111 -24.75 31.55 -3.42
N LYS A 112 -25.08 32.01 -2.22
CA LYS A 112 -24.65 33.35 -1.80
C LYS A 112 -23.15 33.44 -1.62
N LEU A 113 -22.51 32.39 -1.11
CA LEU A 113 -21.06 32.39 -1.00
C LEU A 113 -20.44 32.46 -2.39
N ILE A 114 -20.94 31.65 -3.31
CA ILE A 114 -20.42 31.68 -4.67
C ILE A 114 -20.57 33.07 -5.29
N ALA A 115 -21.73 33.68 -5.09
CA ALA A 115 -21.94 35.04 -5.62
C ALA A 115 -20.99 36.07 -4.99
N GLN A 116 -20.68 35.92 -3.72
CA GLN A 116 -19.76 36.82 -3.04
C GLN A 116 -18.37 36.70 -3.66
N LEU A 117 -18.05 35.54 -4.22
CA LEU A 117 -16.75 35.28 -4.84
C LEU A 117 -16.75 35.53 -6.35
N GLY A 118 -17.87 36.01 -6.88
CA GLY A 118 -17.92 36.35 -8.32
C GLY A 118 -18.29 35.21 -9.21
N GLY A 119 -18.84 34.14 -8.65
CA GLY A 119 -19.26 33.02 -9.45
C GLY A 119 -18.41 31.79 -9.20
N PRO A 120 -18.77 30.66 -9.81
CA PRO A 120 -18.05 29.40 -9.52
C PRO A 120 -16.55 29.52 -9.75
N GLY A 121 -16.16 30.24 -10.81
CA GLY A 121 -14.76 30.47 -11.08
C GLY A 121 -13.97 31.20 -10.00
N GLY A 122 -14.65 31.99 -9.16
CA GLY A 122 -14.01 32.58 -8.03
C GLY A 122 -13.63 31.58 -6.96
N VAL A 123 -14.40 30.49 -6.87
CA VAL A 123 -14.04 29.45 -5.93
C VAL A 123 -12.82 28.68 -6.47
N THR A 124 -12.84 28.38 -7.78
CA THR A 124 -11.69 27.76 -8.42
C THR A 124 -10.43 28.63 -8.29
N ALA A 125 -10.58 29.95 -8.46
CA ALA A 125 -9.44 30.84 -8.33
C ALA A 125 -8.84 30.79 -6.92
N PHE A 126 -9.68 30.70 -5.90
CA PHE A 126 -9.15 30.55 -4.55
C PHE A 126 -8.40 29.24 -4.40
N ALA A 127 -8.97 28.15 -4.92
CA ALA A 127 -8.26 26.87 -4.88
C ALA A 127 -6.86 26.98 -5.49
N ARG A 128 -6.78 27.62 -6.66
CA ARG A 128 -5.48 27.82 -7.28
C ARG A 128 -4.54 28.63 -6.41
N ALA A 129 -5.05 29.69 -5.76
CA ALA A 129 -4.22 30.54 -4.90
C ALA A 129 -3.61 29.78 -3.75
N ILE A 130 -4.24 28.69 -3.30
CA ILE A 130 -3.70 27.92 -2.19
C ILE A 130 -3.05 26.63 -2.65
N GLY A 131 -2.74 26.56 -3.93
CA GLY A 131 -1.91 25.50 -4.48
C GLY A 131 -2.65 24.27 -4.96
N ASP A 132 -3.98 24.35 -5.09
CA ASP A 132 -4.76 23.20 -5.57
C ASP A 132 -5.02 23.44 -7.05
N GLU A 133 -4.32 22.68 -7.88
CA GLU A 133 -4.42 22.77 -9.33
C GLU A 133 -5.47 21.86 -9.94
N THR A 134 -6.21 21.13 -9.11
CA THR A 134 -7.11 20.06 -9.55
C THR A 134 -8.59 20.43 -9.45
N PHE A 135 -8.95 20.98 -8.28
CA PHE A 135 -10.32 21.40 -7.99
C PHE A 135 -10.86 22.25 -9.12
N ARG A 136 -12.11 22.02 -9.49
CA ARG A 136 -12.84 22.99 -10.31
C ARG A 136 -14.29 23.06 -9.87
N LEU A 137 -14.78 24.28 -9.72
CA LEU A 137 -16.20 24.52 -9.56
C LEU A 137 -16.68 25.25 -10.79
N ASP A 138 -17.74 24.73 -11.39
CA ASP A 138 -18.23 25.21 -12.68
C ASP A 138 -19.65 25.72 -12.62
N ARG A 139 -20.42 25.29 -11.63
CA ARG A 139 -21.84 25.60 -11.57
C ARG A 139 -22.23 25.96 -10.14
N THR A 140 -23.41 26.55 -10.00
CA THR A 140 -24.00 26.80 -8.70
C THR A 140 -24.81 25.58 -8.22
N ALA A 141 -25.41 25.67 -7.03
CA ALA A 141 -26.24 24.60 -6.53
C ALA A 141 -27.67 24.82 -7.02
N PRO A 142 -28.42 23.77 -7.36
CA PRO A 142 -28.09 22.38 -7.12
C PRO A 142 -27.39 21.69 -8.30
N THR A 143 -27.25 22.37 -9.43
CA THR A 143 -26.77 21.68 -10.62
C THR A 143 -25.33 21.18 -10.53
N LEU A 144 -24.56 21.70 -9.57
CA LEU A 144 -23.21 21.18 -9.36
C LEU A 144 -23.26 19.74 -8.82
N ASN A 145 -24.45 19.25 -8.47
CA ASN A 145 -24.59 17.88 -7.98
C ASN A 145 -25.07 16.86 -9.02
N THR A 146 -25.11 17.23 -10.31
CA THR A 146 -25.60 16.27 -11.30
C THR A 146 -24.75 14.98 -11.35
N ALA A 147 -23.45 15.11 -11.12
CA ALA A 147 -22.56 13.96 -10.86
C ALA A 147 -22.56 12.94 -11.99
N ILE A 148 -22.62 13.43 -13.23
CA ILE A 148 -22.71 12.54 -14.38
C ILE A 148 -21.36 11.86 -14.62
N PRO A 149 -21.37 10.54 -14.81
CA PRO A 149 -20.09 9.87 -15.00
C PRO A 149 -19.32 10.45 -16.19
N GLY A 150 -18.04 10.71 -15.97
CA GLY A 150 -17.19 11.23 -17.05
C GLY A 150 -17.21 12.75 -17.20
N ASP A 151 -18.10 13.43 -16.51
CA ASP A 151 -18.21 14.89 -16.64
C ASP A 151 -17.16 15.53 -15.72
N PRO A 152 -16.28 16.40 -16.25
CA PRO A 152 -15.26 16.99 -15.40
C PRO A 152 -15.78 18.15 -14.55
N ARG A 153 -16.99 18.63 -14.82
CA ARG A 153 -17.48 19.82 -14.10
C ARG A 153 -17.61 19.46 -12.62
N ASP A 154 -17.20 20.38 -11.77
CA ASP A 154 -17.47 20.27 -10.34
C ASP A 154 -16.85 19.00 -9.76
N THR A 155 -15.61 18.75 -10.15
CA THR A 155 -14.87 17.58 -9.69
C THR A 155 -13.55 17.94 -9.04
N THR A 156 -13.01 16.97 -8.32
CA THR A 156 -11.61 17.00 -7.92
C THR A 156 -11.14 15.58 -7.76
N THR A 157 -9.91 15.39 -7.31
CA THR A 157 -9.41 14.06 -6.99
C THR A 157 -9.32 13.91 -5.48
N PRO A 158 -9.32 12.67 -4.97
CA PRO A 158 -9.17 12.49 -3.53
C PRO A 158 -7.85 13.07 -3.04
N ARG A 159 -6.74 12.81 -3.74
CA ARG A 159 -5.44 13.32 -3.35
C ARG A 159 -5.49 14.84 -3.20
N ALA A 160 -5.99 15.53 -4.21
CA ALA A 160 -5.99 17.00 -4.17
C ALA A 160 -6.83 17.53 -3.03
N MET A 161 -7.99 16.93 -2.80
N MET A 161 -7.99 16.92 -2.81
CA MET A 161 -8.85 17.46 -1.79
CA MET A 161 -8.87 17.45 -1.79
C MET A 161 -8.32 17.21 -0.40
C MET A 161 -8.32 17.21 -0.40
N ALA A 162 -7.65 16.07 -0.19
CA ALA A 162 -7.09 15.81 1.14
C ALA A 162 -5.98 16.84 1.43
N GLN A 163 -5.12 17.12 0.43
N GLN A 163 -5.16 17.12 0.42
CA GLN A 163 -4.03 18.08 0.60
CA GLN A 163 -4.06 18.05 0.55
C GLN A 163 -4.62 19.43 0.92
C GLN A 163 -4.58 19.44 0.87
N THR A 164 -5.62 19.84 0.16
CA THR A 164 -6.24 21.13 0.41
C THR A 164 -6.91 21.20 1.77
N LEU A 165 -7.67 20.18 2.14
CA LEU A 165 -8.32 20.21 3.44
C LEU A 165 -7.30 20.30 4.58
N ARG A 166 -6.16 19.63 4.41
CA ARG A 166 -5.10 19.76 5.41
C ARG A 166 -4.58 21.18 5.48
N GLN A 167 -4.32 21.79 4.32
CA GLN A 167 -3.73 23.14 4.35
C GLN A 167 -4.74 24.13 5.00
N LEU A 168 -6.03 23.94 4.75
CA LEU A 168 -7.06 24.84 5.27
C LEU A 168 -7.27 24.70 6.76
N THR A 169 -7.25 23.49 7.27
CA THR A 169 -7.69 23.23 8.65
C THR A 169 -6.55 23.01 9.62
N LEU A 170 -5.39 22.55 9.15
CA LEU A 170 -4.24 22.27 9.99
C LEU A 170 -3.02 23.09 9.62
N GLY A 171 -2.98 23.54 8.37
CA GLY A 171 -1.86 24.33 7.88
C GLY A 171 -2.19 25.80 7.86
N HIS A 172 -1.57 26.51 6.94
CA HIS A 172 -1.53 27.97 6.98
C HIS A 172 -2.08 28.62 5.73
N ALA A 173 -3.01 27.93 5.05
CA ALA A 173 -3.70 28.54 3.93
C ALA A 173 -4.57 29.71 4.36
N LEU A 174 -5.10 29.66 5.56
CA LEU A 174 -5.88 30.73 6.15
C LEU A 174 -5.11 31.30 7.34
N GLY A 175 -5.48 32.51 7.73
CA GLY A 175 -5.00 33.07 8.97
C GLY A 175 -5.45 32.27 10.17
N GLU A 176 -4.83 32.48 11.31
CA GLU A 176 -5.07 31.65 12.48
C GLU A 176 -6.54 31.70 12.96
N THR A 177 -7.10 32.90 12.99
N THR A 177 -7.16 32.88 13.04
CA THR A 177 -8.47 33.10 13.43
CA THR A 177 -8.55 32.90 13.53
C THR A 177 -9.45 32.40 12.48
C THR A 177 -9.55 32.45 12.46
N GLN A 178 -9.18 32.57 11.19
CA GLN A 178 -9.98 31.98 10.13
C GLN A 178 -9.92 30.45 10.10
N ARG A 179 -8.73 29.90 10.30
CA ARG A 179 -8.57 28.45 10.38
C ARG A 179 -9.42 27.92 11.55
N ALA A 180 -9.32 28.59 12.69
CA ALA A 180 -10.05 28.17 13.86
C ALA A 180 -11.56 28.22 13.63
N GLN A 181 -12.02 29.25 12.93
CA GLN A 181 -13.43 29.36 12.61
C GLN A 181 -13.88 28.22 11.67
N LEU A 182 -13.08 27.91 10.67
CA LEU A 182 -13.42 26.82 9.78
C LEU A 182 -13.51 25.51 10.53
N VAL A 183 -12.54 25.26 11.39
CA VAL A 183 -12.55 24.05 12.19
C VAL A 183 -13.80 23.99 13.11
N THR A 184 -14.12 25.10 13.77
CA THR A 184 -15.32 25.14 14.60
C THR A 184 -16.55 24.80 13.76
N TRP A 185 -16.67 25.36 12.57
CA TRP A 185 -17.81 25.09 11.73
C TRP A 185 -17.88 23.58 11.39
N LEU A 186 -16.79 23.02 10.90
CA LEU A 186 -16.76 21.62 10.51
C LEU A 186 -17.12 20.72 11.68
N LYS A 187 -16.59 21.04 12.87
N LYS A 187 -16.59 21.01 12.87
CA LYS A 187 -16.83 20.21 14.06
CA LYS A 187 -16.86 20.13 14.01
C LYS A 187 -18.30 20.22 14.47
C LYS A 187 -18.31 20.22 14.48
N GLY A 188 -19.00 21.29 14.10
CA GLY A 188 -20.44 21.42 14.34
C GLY A 188 -21.36 20.94 13.24
N ASN A 189 -20.82 20.25 12.25
CA ASN A 189 -21.64 19.68 11.20
C ASN A 189 -22.76 18.81 11.77
N THR A 190 -23.96 18.93 11.22
CA THR A 190 -25.08 18.11 11.65
C THR A 190 -25.29 16.86 10.83
N THR A 191 -24.66 16.76 9.65
CA THR A 191 -25.08 15.79 8.66
C THR A 191 -24.18 14.57 8.57
N GLY A 192 -23.17 14.43 9.43
CA GLY A 192 -22.09 13.50 9.17
C GLY A 192 -22.03 12.21 9.94
N ALA A 193 -22.96 11.95 10.85
CA ALA A 193 -22.80 10.80 11.73
C ALA A 193 -22.87 9.43 11.08
N ALA A 194 -23.45 9.33 9.89
CA ALA A 194 -23.57 8.05 9.19
C ALA A 194 -22.43 7.80 8.22
N SER A 195 -21.54 8.78 8.04
CA SER A 195 -20.52 8.71 6.98
C SER A 195 -19.17 8.35 7.57
N ILE A 196 -18.11 9.14 7.35
CA ILE A 196 -16.82 8.77 7.93
C ILE A 196 -16.90 8.47 9.44
N ARG A 197 -17.59 9.34 10.17
CA ARG A 197 -17.74 9.20 11.62
C ARG A 197 -18.22 7.82 12.06
N ALA A 198 -19.09 7.22 11.27
CA ALA A 198 -19.64 5.90 11.60
C ALA A 198 -18.63 4.79 11.53
N GLY A 199 -17.49 5.02 10.87
CA GLY A 199 -16.48 3.99 10.76
C GLY A 199 -15.35 4.11 11.78
N LEU A 200 -15.35 5.18 12.57
CA LEU A 200 -14.27 5.47 13.48
C LEU A 200 -14.65 5.19 14.92
N PRO A 201 -13.64 4.98 15.76
CA PRO A 201 -13.96 4.80 17.15
C PRO A 201 -14.61 6.05 17.71
N THR A 202 -15.54 5.84 18.61
N THR A 202 -15.55 5.85 18.63
CA THR A 202 -16.34 6.91 19.14
CA THR A 202 -16.35 6.95 19.14
C THR A 202 -15.48 7.96 19.87
C THR A 202 -15.50 7.96 19.89
N SER A 203 -14.37 7.54 20.45
CA SER A 203 -13.53 8.46 21.19
C SER A 203 -12.85 9.54 20.31
N TRP A 204 -12.76 9.29 19.00
CA TRP A 204 -12.08 10.20 18.08
C TRP A 204 -13.02 11.37 17.80
N THR A 205 -12.45 12.52 17.48
N THR A 205 -12.48 12.55 17.55
CA THR A 205 -13.23 13.70 17.17
CA THR A 205 -13.34 13.66 17.15
C THR A 205 -13.16 13.93 15.66
C THR A 205 -13.15 14.04 15.70
N VAL A 206 -14.26 14.39 15.09
CA VAL A 206 -14.36 14.59 13.64
C VAL A 206 -14.97 15.96 13.35
N GLY A 207 -14.42 16.65 12.36
CA GLY A 207 -15.13 17.73 11.70
C GLY A 207 -15.21 17.35 10.24
N ASP A 208 -16.37 17.48 9.62
CA ASP A 208 -16.54 16.96 8.28
C ASP A 208 -17.56 17.73 7.50
N LYS A 209 -17.52 17.55 6.18
CA LYS A 209 -18.57 18.00 5.28
C LYS A 209 -18.95 16.88 4.34
N THR A 210 -20.24 16.55 4.32
CA THR A 210 -20.77 15.52 3.45
C THR A 210 -21.15 16.09 2.10
N GLY A 211 -21.44 15.21 1.16
CA GLY A 211 -22.10 15.64 -0.07
C GLY A 211 -22.86 14.49 -0.70
N SER A 212 -23.88 14.82 -1.46
N SER A 212 -23.94 14.84 -1.39
CA SER A 212 -24.54 13.80 -2.22
CA SER A 212 -24.76 13.89 -2.12
C SER A 212 -25.24 14.41 -3.41
C SER A 212 -25.09 14.46 -3.50
N GLY A 213 -25.46 13.57 -4.42
CA GLY A 213 -25.98 14.00 -5.69
C GLY A 213 -26.52 12.83 -6.48
N ASP A 214 -26.77 13.09 -7.79
CA ASP A 214 -27.30 12.00 -8.62
C ASP A 214 -26.23 10.94 -8.75
N TYR A 215 -26.59 9.84 -9.42
CA TYR A 215 -25.72 8.66 -9.54
C TYR A 215 -25.36 8.09 -8.16
N GLY A 216 -26.25 8.26 -7.19
CA GLY A 216 -26.02 7.73 -5.85
C GLY A 216 -24.72 8.24 -5.27
N THR A 217 -24.35 9.44 -5.62
CA THR A 217 -23.07 9.98 -5.18
C THR A 217 -23.17 10.31 -3.69
N THR A 218 -22.20 9.78 -2.95
CA THR A 218 -22.16 9.87 -1.49
C THR A 218 -20.73 10.16 -1.10
N ASN A 219 -20.49 11.35 -0.53
CA ASN A 219 -19.13 11.84 -0.27
C ASN A 219 -19.01 12.31 1.18
N ASP A 220 -17.78 12.36 1.65
CA ASP A 220 -17.50 13.00 2.95
C ASP A 220 -16.04 13.38 2.94
N ILE A 221 -15.71 14.56 3.50
CA ILE A 221 -14.33 14.98 3.69
C ILE A 221 -14.19 15.43 5.14
N ALA A 222 -13.14 14.93 5.81
CA ALA A 222 -13.05 15.08 7.25
C ALA A 222 -11.64 15.41 7.71
N VAL A 223 -11.58 16.19 8.78
N VAL A 223 -11.59 16.21 8.76
CA VAL A 223 -10.37 16.31 9.62
CA VAL A 223 -10.44 16.21 9.65
C VAL A 223 -10.68 15.60 10.94
C VAL A 223 -10.76 15.45 10.90
N ILE A 224 -9.82 14.67 11.32
CA ILE A 224 -9.95 13.81 12.46
C ILE A 224 -8.87 13.90 13.48
N TRP A 225 -9.30 13.92 14.72
CA TRP A 225 -8.39 13.95 15.86
C TRP A 225 -8.59 12.64 16.60
N PRO A 226 -7.75 11.65 16.29
CA PRO A 226 -7.82 10.34 16.93
C PRO A 226 -7.58 10.42 18.43
N GLN A 227 -8.09 9.48 19.29
N GLN A 227 -8.03 9.59 19.24
CA GLN A 227 -7.61 9.63 20.65
CA GLN A 227 -7.54 9.42 20.61
C GLN A 227 -6.13 9.24 20.75
C GLN A 227 -6.04 9.23 20.63
N GLY A 228 -5.33 10.19 21.21
CA GLY A 228 -3.88 10.00 21.41
C GLY A 228 -3.00 9.93 20.15
N ARG A 229 -3.54 10.38 19.02
N ARG A 229 -3.53 10.34 19.00
CA ARG A 229 -2.81 10.44 17.75
CA ARG A 229 -2.72 10.43 17.78
C ARG A 229 -2.78 11.89 17.23
C ARG A 229 -2.83 11.82 17.15
N ALA A 230 -1.79 12.19 16.39
CA ALA A 230 -1.83 13.43 15.58
C ALA A 230 -3.01 13.37 14.59
N PRO A 231 -3.49 14.54 14.15
CA PRO A 231 -4.68 14.54 13.32
C PRO A 231 -4.48 13.87 11.96
N LEU A 232 -5.59 13.40 11.42
CA LEU A 232 -5.68 12.84 10.07
C LEU A 232 -6.58 13.73 9.25
N VAL A 233 -6.36 13.67 7.95
CA VAL A 233 -7.33 14.18 7.00
C VAL A 233 -7.76 13.01 6.13
N LEU A 234 -9.08 12.86 5.93
CA LEU A 234 -9.60 11.72 5.17
C LEU A 234 -10.69 12.19 4.22
N VAL A 235 -10.57 11.82 2.97
N VAL A 235 -10.53 11.83 2.96
CA VAL A 235 -11.60 12.09 2.01
CA VAL A 235 -11.50 12.07 1.92
C VAL A 235 -12.06 10.79 1.37
C VAL A 235 -12.05 10.71 1.49
N THR A 236 -13.37 10.61 1.37
CA THR A 236 -14.02 9.39 0.84
C THR A 236 -15.10 9.84 -0.15
N TYR A 237 -14.91 9.49 -1.42
N TYR A 237 -14.95 9.43 -1.41
CA TYR A 237 -15.92 9.75 -2.46
CA TYR A 237 -15.89 9.77 -2.49
C TYR A 237 -16.49 8.43 -2.95
C TYR A 237 -16.45 8.48 -3.08
N PHE A 238 -17.75 8.44 -3.36
CA PHE A 238 -18.36 7.22 -3.88
C PHE A 238 -19.44 7.61 -4.88
N THR A 239 -19.46 6.94 -6.03
CA THR A 239 -20.46 7.22 -7.03
C THR A 239 -20.80 5.94 -7.79
N GLN A 240 -21.99 5.90 -8.36
CA GLN A 240 -22.57 4.64 -8.84
C GLN A 240 -23.03 4.79 -10.29
N PRO A 241 -23.30 3.66 -10.98
CA PRO A 241 -23.50 3.78 -12.43
C PRO A 241 -24.86 4.27 -12.89
N GLN A 242 -25.88 4.16 -12.02
N GLN A 242 -25.89 4.18 -12.05
CA GLN A 242 -27.27 4.50 -12.37
CA GLN A 242 -27.20 4.59 -12.49
C GLN A 242 -27.67 5.86 -11.77
C GLN A 242 -27.69 5.84 -11.79
N GLN A 243 -28.36 6.68 -12.56
CA GLN A 243 -28.65 8.05 -12.15
C GLN A 243 -29.45 8.07 -10.85
N ASN A 244 -30.33 7.10 -10.69
N ASN A 244 -30.39 7.15 -10.69
CA ASN A 244 -31.29 7.06 -9.57
CA ASN A 244 -31.27 7.13 -9.52
C ASN A 244 -30.82 6.23 -8.39
C ASN A 244 -30.85 6.13 -8.45
N ALA A 245 -29.56 5.83 -8.39
CA ALA A 245 -29.05 4.99 -7.31
C ALA A 245 -29.25 5.62 -5.92
N GLU A 246 -29.36 4.74 -4.93
N GLU A 246 -29.44 4.78 -4.91
CA GLU A 246 -29.53 5.11 -3.53
CA GLU A 246 -29.59 5.28 -3.55
C GLU A 246 -28.23 5.63 -2.92
C GLU A 246 -28.26 5.66 -2.93
N SER A 247 -28.31 6.53 -1.94
CA SER A 247 -27.12 6.91 -1.17
C SER A 247 -26.55 5.70 -0.44
N ARG A 248 -25.23 5.67 -0.28
CA ARG A 248 -24.53 4.59 0.41
C ARG A 248 -23.54 5.12 1.42
N ARG A 249 -24.05 5.78 2.45
N ARG A 249 -24.05 5.78 2.45
CA ARG A 249 -23.16 6.35 3.46
CA ARG A 249 -23.16 6.35 3.46
C ARG A 249 -22.41 5.25 4.22
C ARG A 249 -22.40 5.24 4.19
N ASP A 250 -23.02 4.06 4.29
CA ASP A 250 -22.35 2.90 4.87
C ASP A 250 -21.06 2.52 4.16
N VAL A 251 -20.97 2.75 2.85
CA VAL A 251 -19.72 2.46 2.15
C VAL A 251 -18.61 3.40 2.62
N LEU A 252 -18.94 4.67 2.87
CA LEU A 252 -17.97 5.62 3.39
C LEU A 252 -17.54 5.24 4.79
N ALA A 253 -18.49 4.83 5.63
CA ALA A 253 -18.15 4.35 6.97
C ALA A 253 -17.22 3.15 6.90
N SER A 254 -17.49 2.23 5.97
CA SER A 254 -16.65 1.05 5.83
C SER A 254 -15.25 1.39 5.36
N ALA A 255 -15.13 2.40 4.48
CA ALA A 255 -13.82 2.85 4.04
C ALA A 255 -13.03 3.44 5.19
N ALA A 256 -13.69 4.28 5.99
CA ALA A 256 -13.08 4.88 7.15
C ALA A 256 -12.63 3.83 8.15
N ARG A 257 -13.44 2.79 8.36
N ARG A 257 -13.46 2.81 8.34
CA ARG A 257 -13.06 1.75 9.29
CA ARG A 257 -13.13 1.73 9.25
C ARG A 257 -11.82 0.99 8.82
C ARG A 257 -11.84 1.00 8.81
N ILE A 258 -11.76 0.69 7.52
CA ILE A 258 -10.55 0.07 6.95
C ILE A 258 -9.32 0.92 7.15
N ILE A 259 -9.47 2.23 6.94
CA ILE A 259 -8.35 3.17 7.10
C ILE A 259 -7.93 3.18 8.56
N ALA A 260 -8.90 3.24 9.47
CA ALA A 260 -8.56 3.32 10.89
C ALA A 260 -7.87 2.06 11.38
N GLU A 261 -8.36 0.91 10.93
CA GLU A 261 -7.78 -0.39 11.28
C GLU A 261 -6.38 -0.55 10.71
N GLY A 262 -6.03 0.23 9.69
CA GLY A 262 -4.73 0.11 9.02
C GLY A 262 -3.65 1.02 9.58
N LEU A 263 -4.03 1.92 10.48
CA LEU A 263 -3.06 2.85 11.06
C LEU A 263 -2.12 2.12 12.02
N SER B 3 35.73 -3.43 13.05
CA SER B 3 34.81 -3.73 11.89
C SER B 3 35.49 -3.47 10.55
N ALA B 4 36.58 -4.21 10.33
CA ALA B 4 37.06 -4.53 8.98
C ALA B 4 35.86 -4.81 8.05
N VAL B 5 35.11 -5.86 8.35
N VAL B 5 35.11 -5.86 8.38
CA VAL B 5 34.16 -6.38 7.39
CA VAL B 5 34.12 -6.42 7.48
C VAL B 5 33.02 -5.39 7.17
C VAL B 5 33.03 -5.40 7.20
N GLN B 6 32.64 -4.66 8.23
CA GLN B 6 31.59 -3.67 8.09
C GLN B 6 31.99 -2.56 7.14
N GLN B 7 33.20 -2.03 7.32
CA GLN B 7 33.72 -1.02 6.39
C GLN B 7 33.62 -1.54 4.96
N LYS B 8 34.04 -2.78 4.74
N LYS B 8 34.00 -2.80 4.76
CA LYS B 8 34.13 -3.29 3.37
CA LYS B 8 34.16 -3.35 3.43
C LYS B 8 32.76 -3.51 2.73
C LYS B 8 32.81 -3.58 2.74
N LEU B 9 31.81 -4.02 3.51
CA LEU B 9 30.49 -4.18 2.97
C LEU B 9 29.82 -2.86 2.64
N ALA B 10 29.97 -1.86 3.52
CA ALA B 10 29.41 -0.56 3.26
C ALA B 10 30.02 0.05 1.98
N ALA B 11 31.32 -0.14 1.80
CA ALA B 11 32.05 0.39 0.64
C ALA B 11 31.57 -0.31 -0.63
N LEU B 12 31.40 -1.62 -0.57
CA LEU B 12 30.89 -2.34 -1.72
C LEU B 12 29.50 -1.86 -2.09
N GLU B 13 28.64 -1.69 -1.09
CA GLU B 13 27.33 -1.16 -1.36
C GLU B 13 27.38 0.20 -2.04
N LYS B 14 28.16 1.14 -1.51
N LYS B 14 28.24 1.06 -1.48
CA LYS B 14 28.14 2.48 -2.10
CA LYS B 14 28.51 2.42 -1.98
C LYS B 14 28.62 2.45 -3.55
C LYS B 14 28.92 2.36 -3.45
N SER B 15 29.66 1.64 -3.80
N SER B 15 29.89 1.51 -3.77
CA SER B 15 30.20 1.46 -5.14
CA SER B 15 30.31 1.33 -5.15
C SER B 15 29.18 0.86 -6.08
C SER B 15 29.11 0.95 -6.03
N SER B 16 28.34 -0.01 -5.55
CA SER B 16 27.31 -0.65 -6.35
C SER B 16 26.17 0.26 -6.74
N GLY B 17 25.91 1.30 -5.95
CA GLY B 17 24.75 2.15 -6.15
C GLY B 17 23.41 1.63 -5.66
N GLY B 18 23.38 0.43 -5.10
CA GLY B 18 22.13 -0.15 -4.61
C GLY B 18 22.09 -0.32 -3.10
N ARG B 19 21.25 -1.26 -2.69
CA ARG B 19 21.01 -1.57 -1.27
C ARG B 19 21.32 -3.08 -1.10
N LEU B 20 22.25 -3.34 -0.21
CA LEU B 20 22.82 -4.68 0.01
C LEU B 20 22.42 -5.16 1.40
N GLY B 21 21.97 -6.43 1.50
CA GLY B 21 21.67 -7.06 2.78
C GLY B 21 22.44 -8.34 2.90
N VAL B 22 23.13 -8.52 4.01
CA VAL B 22 23.95 -9.69 4.23
C VAL B 22 23.67 -10.25 5.61
N ALA B 23 23.54 -11.57 5.69
N ALA B 23 23.53 -11.58 5.70
CA ALA B 23 23.56 -12.23 6.99
CA ALA B 23 23.59 -12.22 7.01
C ALA B 23 24.35 -13.53 6.90
C ALA B 23 24.38 -13.50 6.88
N LEU B 24 25.38 -13.63 7.73
CA LEU B 24 26.20 -14.82 7.85
C LEU B 24 25.92 -15.43 9.20
N ILE B 25 25.78 -16.74 9.26
CA ILE B 25 25.91 -17.50 10.51
C ILE B 25 27.08 -18.46 10.33
N ASP B 26 28.05 -18.40 11.22
CA ASP B 26 29.16 -19.35 11.20
C ASP B 26 28.88 -20.36 12.28
N THR B 27 28.51 -21.58 11.91
CA THR B 27 28.05 -22.55 12.89
C THR B 27 29.19 -23.14 13.71
N ALA B 28 30.44 -22.77 13.41
CA ALA B 28 31.59 -23.18 14.25
C ALA B 28 31.41 -22.64 15.66
N ASP B 29 30.90 -21.42 15.77
CA ASP B 29 30.87 -20.69 17.05
C ASP B 29 29.65 -19.79 17.16
N ASN B 30 28.73 -19.93 16.20
CA ASN B 30 27.51 -19.14 16.16
C ASN B 30 27.74 -17.66 16.05
N THR B 31 28.87 -17.26 15.50
CA THR B 31 29.06 -15.86 15.25
C THR B 31 28.32 -15.42 13.98
N GLN B 32 28.07 -14.13 13.89
CA GLN B 32 27.23 -13.59 12.84
C GLN B 32 27.91 -12.39 12.26
N VAL B 33 27.66 -12.13 10.99
CA VAL B 33 27.96 -10.86 10.39
C VAL B 33 26.71 -10.38 9.71
N LEU B 34 26.28 -9.19 10.03
CA LEU B 34 25.04 -8.62 9.54
C LEU B 34 25.28 -7.28 8.90
N TYR B 35 24.67 -7.06 7.74
CA TYR B 35 24.69 -5.75 7.10
C TYR B 35 23.28 -5.51 6.56
N ARG B 36 22.61 -4.48 7.06
CA ARG B 36 21.17 -4.32 6.83
C ARG B 36 20.41 -5.61 7.12
N GLY B 37 20.80 -6.28 8.20
CA GLY B 37 20.29 -7.62 8.47
C GLY B 37 18.84 -7.66 8.88
N ASP B 38 18.30 -6.53 9.33
CA ASP B 38 16.92 -6.47 9.75
C ASP B 38 16.02 -5.67 8.80
N GLU B 39 16.54 -5.29 7.63
CA GLU B 39 15.73 -4.64 6.62
C GLU B 39 15.04 -5.69 5.78
N ARG B 40 13.84 -5.37 5.31
CA ARG B 40 13.14 -6.22 4.36
C ARG B 40 13.67 -6.05 2.96
N PHE B 41 13.82 -7.19 2.29
CA PHE B 41 14.24 -7.24 0.88
C PHE B 41 13.27 -8.16 0.14
N PRO B 42 13.03 -7.87 -1.14
CA PRO B 42 12.26 -8.82 -1.96
C PRO B 42 13.05 -10.09 -2.16
N MET B 43 12.43 -11.22 -1.85
CA MET B 43 13.12 -12.50 -1.90
C MET B 43 13.31 -13.00 -3.35
N CYS B 44 12.36 -12.63 -4.21
CA CYS B 44 12.26 -13.19 -5.56
C CYS B 44 12.38 -14.71 -5.46
N SER B 45 13.06 -15.37 -6.39
N SER B 45 13.16 -15.29 -6.37
CA SER B 45 13.00 -16.84 -6.41
CA SER B 45 13.26 -16.74 -6.56
C SER B 45 13.73 -17.54 -5.27
C SER B 45 13.73 -17.50 -5.31
N THR B 46 14.35 -16.80 -4.37
CA THR B 46 14.89 -17.45 -3.19
C THR B 46 13.77 -18.02 -2.32
N SER B 47 12.56 -17.50 -2.49
CA SER B 47 11.39 -18.04 -1.81
C SER B 47 11.04 -19.48 -2.19
N LYS B 48 11.58 -19.98 -3.29
N LYS B 48 11.58 -19.97 -3.30
CA LYS B 48 11.34 -21.37 -3.69
CA LYS B 48 11.38 -21.36 -3.73
C LYS B 48 11.88 -22.34 -2.66
C LYS B 48 11.88 -22.33 -2.68
N VAL B 49 12.89 -21.95 -1.90
CA VAL B 49 13.38 -22.81 -0.84
C VAL B 49 12.29 -23.10 0.18
N MET B 50 11.59 -22.06 0.63
N MET B 50 11.55 -22.08 0.55
CA MET B 50 10.55 -22.25 1.63
CA MET B 50 10.53 -22.23 1.58
C MET B 50 9.41 -23.10 1.05
C MET B 50 9.36 -23.04 1.07
N ALA B 51 9.03 -22.88 -0.21
CA ALA B 51 7.93 -23.65 -0.79
C ALA B 51 8.31 -25.12 -0.93
N ALA B 52 9.51 -25.41 -1.42
CA ALA B 52 9.95 -26.80 -1.51
C ALA B 52 10.03 -27.44 -0.12
N ALA B 53 10.57 -26.74 0.85
CA ALA B 53 10.64 -27.25 2.22
C ALA B 53 9.25 -27.52 2.79
N ALA B 54 8.28 -26.66 2.49
CA ALA B 54 6.93 -26.87 2.99
C ALA B 54 6.34 -28.15 2.43
N VAL B 55 6.59 -28.45 1.16
CA VAL B 55 6.11 -29.69 0.58
C VAL B 55 6.83 -30.90 1.16
N LEU B 56 8.13 -30.76 1.39
CA LEU B 56 8.88 -31.78 2.10
C LEU B 56 8.27 -32.06 3.47
N LYS B 57 7.91 -31.02 4.22
CA LYS B 57 7.28 -31.24 5.50
C LYS B 57 5.95 -31.98 5.36
N GLN B 58 5.14 -31.62 4.37
CA GLN B 58 3.88 -32.35 4.15
C GLN B 58 4.17 -33.83 3.93
N SER B 59 5.22 -34.13 3.17
CA SER B 59 5.51 -35.53 2.81
C SER B 59 6.00 -36.35 4.01
N GLU B 60 6.27 -35.70 5.14
CA GLU B 60 6.56 -36.43 6.37
C GLU B 60 5.37 -37.23 6.86
N THR B 61 4.16 -36.75 6.59
CA THR B 61 2.95 -37.45 7.04
C THR B 61 2.10 -37.98 5.89
N GLN B 62 2.14 -37.34 4.72
CA GLN B 62 1.53 -37.88 3.48
C GLN B 62 2.64 -38.60 2.71
N LYS B 63 2.84 -39.88 3.01
N LYS B 63 2.85 -39.88 2.99
CA LYS B 63 4.11 -40.54 2.73
CA LYS B 63 4.16 -40.49 2.77
C LYS B 63 4.34 -40.82 1.22
C LYS B 63 4.55 -40.58 1.29
N GLN B 64 3.31 -40.76 0.38
N GLN B 64 3.56 -40.71 0.42
CA GLN B 64 3.51 -40.91 -1.06
CA GLN B 64 3.81 -40.89 -1.02
C GLN B 64 3.39 -39.59 -1.82
C GLN B 64 3.51 -39.59 -1.81
N LEU B 65 3.38 -38.48 -1.09
CA LEU B 65 3.06 -37.20 -1.70
C LEU B 65 4.05 -36.82 -2.81
N LEU B 66 5.34 -37.08 -2.60
CA LEU B 66 6.33 -36.59 -3.56
C LEU B 66 6.24 -37.30 -4.90
N ASN B 67 5.60 -38.47 -4.92
CA ASN B 67 5.39 -39.21 -6.17
C ASN B 67 4.07 -38.92 -6.88
N GLN B 68 3.27 -38.02 -6.33
CA GLN B 68 1.96 -37.69 -6.89
C GLN B 68 2.13 -36.96 -8.21
N PRO B 69 1.53 -37.47 -9.28
CA PRO B 69 1.54 -36.72 -10.54
C PRO B 69 0.70 -35.47 -10.46
N VAL B 70 1.18 -34.43 -11.11
CA VAL B 70 0.49 -33.17 -11.20
C VAL B 70 0.42 -32.79 -12.68
N GLU B 71 -0.77 -32.42 -13.14
CA GLU B 71 -0.97 -32.07 -14.55
C GLU B 71 -0.32 -30.74 -14.87
N ILE B 72 0.41 -30.69 -15.96
CA ILE B 72 0.95 -29.43 -16.49
C ILE B 72 0.18 -29.09 -17.76
N LYS B 73 -0.57 -28.00 -17.73
N LYS B 73 -0.57 -27.99 -17.73
CA LYS B 73 -1.38 -27.57 -18.87
CA LYS B 73 -1.39 -27.61 -18.88
C LYS B 73 -0.73 -26.43 -19.61
C LYS B 73 -0.76 -26.43 -19.60
N PRO B 74 -1.06 -26.27 -20.90
CA PRO B 74 -0.48 -25.12 -21.60
C PRO B 74 -0.72 -23.80 -20.89
N ALA B 75 -1.92 -23.61 -20.35
CA ALA B 75 -2.26 -22.37 -19.67
C ALA B 75 -1.48 -22.17 -18.36
N ASP B 76 -0.84 -23.22 -17.85
CA ASP B 76 -0.05 -23.08 -16.61
C ASP B 76 1.30 -22.43 -16.84
N LEU B 77 1.80 -22.46 -18.07
CA LEU B 77 3.12 -21.92 -18.33
C LEU B 77 3.12 -20.42 -18.10
N VAL B 78 4.14 -19.93 -17.42
CA VAL B 78 4.30 -18.49 -17.17
C VAL B 78 5.51 -17.98 -17.93
N ASN B 79 6.38 -17.21 -17.31
CA ASN B 79 7.42 -16.50 -18.05
C ASN B 79 8.72 -17.25 -18.18
N TYR B 80 8.92 -18.30 -17.39
CA TYR B 80 10.24 -18.94 -17.28
C TYR B 80 9.99 -20.36 -16.78
N ASN B 81 10.06 -21.28 -17.73
N ASN B 81 9.95 -21.32 -17.68
CA ASN B 81 9.53 -22.64 -17.56
CA ASN B 81 9.61 -22.67 -17.26
C ASN B 81 10.45 -23.67 -18.22
C ASN B 81 10.41 -23.73 -18.00
N PRO B 82 11.75 -23.61 -17.89
CA PRO B 82 12.69 -24.45 -18.64
C PRO B 82 12.43 -25.93 -18.53
N ILE B 83 11.82 -26.39 -17.44
CA ILE B 83 11.55 -27.79 -17.26
C ILE B 83 10.10 -28.11 -17.59
N ALA B 84 9.18 -27.33 -17.04
CA ALA B 84 7.77 -27.59 -17.23
C ALA B 84 7.36 -27.58 -18.70
N GLU B 85 7.96 -26.74 -19.52
CA GLU B 85 7.51 -26.68 -20.91
C GLU B 85 7.70 -28.02 -21.63
N LYS B 86 8.63 -28.84 -21.17
CA LYS B 86 8.84 -30.17 -21.73
C LYS B 86 7.72 -31.15 -21.42
N HIS B 87 6.91 -30.85 -20.39
CA HIS B 87 5.93 -31.80 -19.88
C HIS B 87 4.52 -31.27 -19.99
N VAL B 88 4.33 -30.19 -20.75
N VAL B 88 4.34 -30.22 -20.77
CA VAL B 88 3.00 -29.67 -21.02
CA VAL B 88 3.02 -29.68 -21.02
C VAL B 88 2.15 -30.78 -21.66
C VAL B 88 2.14 -30.73 -21.72
N ASN B 89 0.87 -30.79 -21.30
CA ASN B 89 -0.06 -31.86 -21.69
C ASN B 89 0.42 -33.19 -21.21
N GLY B 90 1.12 -33.16 -20.08
CA GLY B 90 1.54 -34.34 -19.36
C GLY B 90 1.55 -34.02 -17.90
N THR B 91 2.37 -34.75 -17.16
CA THR B 91 2.41 -34.63 -15.70
C THR B 91 3.85 -34.58 -15.26
N MET B 92 4.06 -33.99 -14.08
CA MET B 92 5.29 -34.11 -13.33
C MET B 92 4.93 -34.45 -11.90
N THR B 93 5.81 -35.18 -11.21
CA THR B 93 5.59 -35.44 -9.78
C THR B 93 5.97 -34.22 -8.93
N LEU B 94 5.49 -34.19 -7.69
CA LEU B 94 5.88 -33.13 -6.81
C LEU B 94 7.38 -33.11 -6.50
N ALA B 95 8.02 -34.28 -6.48
CA ALA B 95 9.49 -34.30 -6.37
C ALA B 95 10.13 -33.63 -7.56
N GLU B 96 9.66 -33.97 -8.76
CA GLU B 96 10.20 -33.37 -9.97
C GLU B 96 9.97 -31.87 -10.02
N LEU B 97 8.79 -31.43 -9.58
CA LEU B 97 8.52 -30.00 -9.53
C LEU B 97 9.41 -29.29 -8.51
N SER B 98 9.67 -29.93 -7.36
CA SER B 98 10.54 -29.34 -6.37
C SER B 98 11.96 -29.20 -6.86
N ALA B 99 12.44 -30.22 -7.58
CA ALA B 99 13.78 -30.13 -8.15
C ALA B 99 13.85 -29.06 -9.25
N ALA B 100 12.81 -28.99 -10.05
CA ALA B 100 12.79 -28.05 -11.16
C ALA B 100 12.77 -26.62 -10.59
N ALA B 101 11.94 -26.38 -9.57
CA ALA B 101 11.92 -25.07 -8.92
C ALA B 101 13.27 -24.71 -8.33
N LEU B 102 13.88 -25.64 -7.59
CA LEU B 102 15.09 -25.30 -6.88
C LEU B 102 16.30 -25.23 -7.81
N GLN B 103 16.44 -26.22 -8.69
CA GLN B 103 17.71 -26.36 -9.43
C GLN B 103 17.73 -25.59 -10.74
N TYR B 104 16.55 -25.29 -11.29
CA TYR B 104 16.44 -24.59 -12.57
C TYR B 104 15.64 -23.31 -12.41
N SER B 105 15.08 -23.05 -11.23
CA SER B 105 14.30 -21.84 -10.96
C SER B 105 13.06 -21.77 -11.88
N ASP B 106 12.45 -22.91 -12.11
CA ASP B 106 11.26 -22.97 -12.96
C ASP B 106 10.06 -22.39 -12.25
N ASN B 107 9.44 -21.37 -12.84
CA ASN B 107 8.32 -20.67 -12.19
C ASN B 107 7.02 -21.42 -12.26
N THR B 108 6.78 -22.21 -13.31
CA THR B 108 5.58 -23.02 -13.32
C THR B 108 5.64 -24.06 -12.20
N ALA B 109 6.83 -24.62 -12.01
CA ALA B 109 7.04 -25.57 -10.92
C ALA B 109 6.80 -24.94 -9.57
N MET B 110 7.34 -23.74 -9.35
CA MET B 110 7.03 -23.02 -8.12
C MET B 110 5.54 -22.85 -7.94
N ASN B 111 4.83 -22.48 -8.99
CA ASN B 111 3.39 -22.31 -8.84
C ASN B 111 2.66 -23.57 -8.48
N LYS B 112 3.15 -24.72 -8.94
CA LYS B 112 2.51 -25.98 -8.55
C LYS B 112 2.79 -26.25 -7.07
N LEU B 113 3.99 -25.97 -6.60
CA LEU B 113 4.27 -26.09 -5.15
C LEU B 113 3.34 -25.21 -4.31
N ILE B 114 3.23 -23.95 -4.73
CA ILE B 114 2.35 -23.02 -4.02
C ILE B 114 0.90 -23.55 -4.01
N ALA B 115 0.40 -24.06 -5.13
CA ALA B 115 -0.96 -24.58 -5.20
C ALA B 115 -1.12 -25.81 -4.29
N GLN B 116 -0.10 -26.67 -4.23
CA GLN B 116 -0.14 -27.83 -3.34
C GLN B 116 -0.29 -27.40 -1.88
N LEU B 117 0.25 -26.23 -1.53
CA LEU B 117 0.22 -25.73 -0.15
C LEU B 117 -1.01 -24.88 0.11
N GLY B 118 -1.88 -24.76 -0.90
CA GLY B 118 -3.13 -24.02 -0.76
C GLY B 118 -3.04 -22.55 -1.05
N GLY B 119 -1.95 -22.13 -1.68
CA GLY B 119 -1.75 -20.72 -1.98
C GLY B 119 -0.54 -20.16 -1.26
N PRO B 120 -0.18 -18.91 -1.59
CA PRO B 120 1.01 -18.33 -0.97
C PRO B 120 0.95 -18.35 0.55
N GLY B 121 -0.23 -18.17 1.10
CA GLY B 121 -0.39 -18.21 2.56
C GLY B 121 0.00 -19.53 3.18
N GLY B 122 -0.11 -20.62 2.43
CA GLY B 122 0.38 -21.89 2.90
C GLY B 122 1.88 -21.96 3.06
N VAL B 123 2.60 -21.24 2.22
CA VAL B 123 4.05 -21.15 2.38
C VAL B 123 4.37 -20.35 3.64
N THR B 124 3.66 -19.24 3.83
CA THR B 124 3.90 -18.42 4.99
C THR B 124 3.55 -19.16 6.27
N ALA B 125 2.49 -19.97 6.21
CA ALA B 125 2.09 -20.75 7.38
C ALA B 125 3.16 -21.77 7.77
N PHE B 126 3.82 -22.36 6.78
CA PHE B 126 4.94 -23.26 7.06
C PHE B 126 6.08 -22.50 7.72
N ALA B 127 6.39 -21.31 7.20
CA ALA B 127 7.42 -20.47 7.81
C ALA B 127 7.13 -20.23 9.31
N ARG B 128 5.88 -19.93 9.60
CA ARG B 128 5.50 -19.69 11.00
C ARG B 128 5.65 -20.94 11.86
N ALA B 129 5.31 -22.07 11.26
CA ALA B 129 5.40 -23.35 11.96
C ALA B 129 6.82 -23.71 12.35
N ILE B 130 7.82 -23.23 11.60
CA ILE B 130 9.21 -23.50 11.92
C ILE B 130 9.94 -22.32 12.58
N GLY B 131 9.16 -21.39 13.08
CA GLY B 131 9.65 -20.33 13.95
C GLY B 131 10.07 -19.06 13.23
N ASP B 132 9.76 -18.94 11.93
CA ASP B 132 10.12 -17.73 11.18
C ASP B 132 8.91 -16.84 11.17
N GLU B 133 9.00 -15.75 11.91
N GLU B 133 8.97 -15.75 11.93
CA GLU B 133 7.91 -14.80 12.09
CA GLU B 133 7.86 -14.81 12.07
C GLU B 133 8.04 -13.60 11.18
C GLU B 133 7.94 -13.66 11.07
N THR B 134 8.99 -13.64 10.25
CA THR B 134 9.32 -12.49 9.39
C THR B 134 8.96 -12.74 7.92
N PHE B 135 9.29 -13.94 7.42
CA PHE B 135 8.99 -14.32 6.04
C PHE B 135 7.53 -14.08 5.68
N ARG B 136 7.27 -13.60 4.48
CA ARG B 136 5.89 -13.64 3.95
C ARG B 136 5.94 -13.86 2.45
N LEU B 137 5.11 -14.81 2.00
CA LEU B 137 4.84 -14.99 0.58
C LEU B 137 3.39 -14.59 0.34
N ASP B 138 3.22 -13.70 -0.64
CA ASP B 138 1.95 -13.06 -0.92
C ASP B 138 1.40 -13.39 -2.29
N ARG B 139 2.29 -13.69 -3.24
CA ARG B 139 1.91 -13.85 -4.65
C ARG B 139 2.56 -15.09 -5.25
N THR B 140 1.99 -15.50 -6.37
CA THR B 140 2.58 -16.54 -7.21
C THR B 140 3.67 -15.92 -8.11
N ALA B 141 4.34 -16.79 -8.87
CA ALA B 141 5.32 -16.36 -9.86
C ALA B 141 4.62 -16.05 -11.17
N PRO B 142 5.00 -14.97 -11.84
CA PRO B 142 6.22 -14.22 -11.59
C PRO B 142 5.98 -12.96 -10.77
N THR B 143 4.73 -12.64 -10.42
CA THR B 143 4.51 -11.35 -9.78
C THR B 143 5.15 -11.21 -8.42
N LEU B 144 5.54 -12.32 -7.79
CA LEU B 144 6.26 -12.20 -6.53
C LEU B 144 7.61 -11.52 -6.72
N ASN B 145 8.04 -11.34 -7.98
CA ASN B 145 9.36 -10.75 -8.29
C ASN B 145 9.31 -9.27 -8.67
N THR B 146 8.19 -8.59 -8.44
CA THR B 146 8.12 -7.18 -8.80
C THR B 146 9.07 -6.27 -8.06
N ALA B 147 9.36 -6.60 -6.79
CA ALA B 147 10.48 -6.01 -6.05
C ALA B 147 10.37 -4.49 -5.92
N ILE B 148 9.13 -3.99 -5.74
CA ILE B 148 8.89 -2.55 -5.68
C ILE B 148 9.41 -2.00 -4.36
N PRO B 149 10.21 -0.90 -4.43
CA PRO B 149 10.71 -0.35 -3.17
C PRO B 149 9.59 -0.03 -2.21
N GLY B 150 9.74 -0.45 -0.95
CA GLY B 150 8.77 -0.17 0.12
C GLY B 150 7.70 -1.21 0.28
N ASP B 151 7.52 -2.03 -0.74
CA ASP B 151 6.45 -3.01 -0.75
C ASP B 151 6.83 -4.18 0.16
N PRO B 152 6.02 -4.49 1.17
CA PRO B 152 6.40 -5.60 2.04
C PRO B 152 6.05 -6.97 1.50
N ARG B 153 5.30 -7.03 0.41
CA ARG B 153 4.90 -8.34 -0.09
C ARG B 153 6.11 -9.16 -0.54
N ASP B 154 6.10 -10.45 -0.22
CA ASP B 154 7.14 -11.35 -0.75
C ASP B 154 8.53 -10.93 -0.31
N THR B 155 8.64 -10.52 0.94
CA THR B 155 9.91 -10.11 1.52
C THR B 155 10.26 -10.91 2.76
N THR B 156 11.53 -10.80 3.13
CA THR B 156 11.99 -11.19 4.42
C THR B 156 13.22 -10.38 4.77
N THR B 157 13.85 -10.67 5.90
CA THR B 157 15.09 -9.97 6.26
C THR B 157 16.26 -10.93 6.14
N PRO B 158 17.47 -10.43 5.88
CA PRO B 158 18.59 -11.36 5.82
C PRO B 158 18.74 -12.18 7.10
N ARG B 159 18.61 -11.54 8.25
CA ARG B 159 18.78 -12.27 9.51
C ARG B 159 17.77 -13.43 9.61
N ALA B 160 16.50 -13.15 9.31
CA ALA B 160 15.49 -14.18 9.40
C ALA B 160 15.76 -15.31 8.41
N MET B 161 16.12 -14.97 7.19
N MET B 161 16.13 -14.98 7.19
CA MET B 161 16.32 -16.01 6.18
CA MET B 161 16.31 -16.01 6.17
C MET B 161 17.53 -16.88 6.49
C MET B 161 17.55 -16.86 6.42
N ALA B 162 18.59 -16.29 7.01
CA ALA B 162 19.76 -17.08 7.38
C ALA B 162 19.42 -18.04 8.51
N GLN B 163 18.68 -17.58 9.50
CA GLN B 163 18.30 -18.45 10.59
C GLN B 163 17.40 -19.57 10.09
N THR B 164 16.44 -19.25 9.25
CA THR B 164 15.57 -20.31 8.72
C THR B 164 16.32 -21.28 7.82
N LEU B 165 17.19 -20.80 6.96
CA LEU B 165 17.94 -21.70 6.11
C LEU B 165 18.82 -22.63 6.96
N ARG B 166 19.40 -22.13 8.04
CA ARG B 166 20.13 -22.97 8.98
C ARG B 166 19.23 -24.05 9.56
N GLN B 167 18.05 -23.67 9.98
N GLN B 167 18.06 -23.64 10.04
CA GLN B 167 17.18 -24.66 10.61
CA GLN B 167 17.12 -24.63 10.60
C GLN B 167 16.62 -25.69 9.62
C GLN B 167 16.76 -25.71 9.59
N LEU B 168 16.48 -25.31 8.35
CA LEU B 168 16.05 -26.25 7.30
C LEU B 168 17.14 -27.21 6.88
N THR B 169 18.37 -26.73 6.76
CA THR B 169 19.46 -27.52 6.17
C THR B 169 20.40 -28.16 7.16
N LEU B 170 20.52 -27.60 8.38
CA LEU B 170 21.48 -28.06 9.39
C LEU B 170 20.80 -28.39 10.70
N GLY B 171 19.59 -27.92 10.89
CA GLY B 171 18.84 -28.14 12.12
C GLY B 171 17.72 -29.12 11.92
N HIS B 172 16.64 -28.97 12.66
CA HIS B 172 15.59 -30.02 12.74
C HIS B 172 14.22 -29.47 12.46
N ALA B 173 14.15 -28.45 11.59
CA ALA B 173 12.85 -28.01 11.08
C ALA B 173 12.17 -29.11 10.25
N LEU B 174 12.98 -29.90 9.56
CA LEU B 174 12.50 -31.01 8.74
C LEU B 174 12.97 -32.31 9.37
N GLY B 175 12.30 -33.40 9.02
CA GLY B 175 12.81 -34.75 9.33
C GLY B 175 14.10 -35.07 8.62
N GLU B 176 14.85 -36.06 9.12
N GLU B 176 14.81 -36.07 9.14
CA GLU B 176 16.20 -36.26 8.61
CA GLU B 176 16.14 -36.43 8.69
C GLU B 176 16.22 -36.52 7.10
C GLU B 176 16.21 -36.55 7.16
N THR B 177 15.36 -37.39 6.60
CA THR B 177 15.39 -37.69 5.16
C THR B 177 15.08 -36.45 4.35
N GLN B 178 14.15 -35.65 4.85
CA GLN B 178 13.68 -34.49 4.12
C GLN B 178 14.75 -33.38 4.13
N ARG B 179 15.43 -33.20 5.27
CA ARG B 179 16.55 -32.27 5.33
C ARG B 179 17.64 -32.68 4.32
N ALA B 180 17.94 -33.97 4.29
CA ALA B 180 18.94 -34.45 3.37
C ALA B 180 18.52 -34.23 1.92
N GLN B 181 17.24 -34.42 1.61
CA GLN B 181 16.74 -34.20 0.25
C GLN B 181 16.85 -32.74 -0.16
N LEU B 182 16.55 -31.85 0.78
CA LEU B 182 16.66 -30.42 0.52
C LEU B 182 18.11 -30.04 0.22
N VAL B 183 19.02 -30.54 1.04
CA VAL B 183 20.43 -30.24 0.86
C VAL B 183 20.93 -30.82 -0.47
N THR B 184 20.50 -32.03 -0.82
CA THR B 184 20.89 -32.61 -2.11
C THR B 184 20.41 -31.73 -3.26
N TRP B 185 19.18 -31.24 -3.17
CA TRP B 185 18.65 -30.41 -4.23
C TRP B 185 19.46 -29.10 -4.32
N LEU B 186 19.70 -28.41 -3.19
CA LEU B 186 20.48 -27.18 -3.20
C LEU B 186 21.86 -27.35 -3.77
N LYS B 187 22.52 -28.47 -3.43
CA LYS B 187 23.89 -28.69 -3.92
C LYS B 187 23.92 -28.95 -5.42
N GLY B 188 22.78 -29.34 -6.00
CA GLY B 188 22.67 -29.53 -7.43
C GLY B 188 22.11 -28.36 -8.19
N ASN B 189 22.04 -27.20 -7.55
CA ASN B 189 21.57 -26.00 -8.24
C ASN B 189 22.43 -25.74 -9.50
N THR B 190 21.77 -25.36 -10.58
CA THR B 190 22.47 -25.03 -11.82
C THR B 190 22.77 -23.54 -11.97
N THR B 191 22.13 -22.69 -11.17
CA THR B 191 22.10 -21.26 -11.46
C THR B 191 23.06 -20.40 -10.65
N GLY B 192 23.92 -21.00 -9.83
CA GLY B 192 24.61 -20.29 -8.74
C GLY B 192 26.07 -19.90 -8.93
N ALA B 193 26.72 -20.32 -10.02
CA ALA B 193 28.19 -20.18 -10.08
C ALA B 193 28.69 -18.76 -10.14
N ALA B 194 27.83 -17.81 -10.51
CA ALA B 194 28.24 -16.41 -10.63
C ALA B 194 27.96 -15.59 -9.37
N SER B 195 27.30 -16.20 -8.38
CA SER B 195 26.79 -15.44 -7.20
C SER B 195 27.68 -15.76 -6.01
N ILE B 196 27.11 -16.18 -4.88
CA ILE B 196 27.94 -16.43 -3.70
C ILE B 196 29.14 -17.33 -4.03
N ARG B 197 28.90 -18.41 -4.78
N ARG B 197 28.91 -18.40 -4.79
N ARG B 197 28.89 -18.39 -4.79
CA ARG B 197 29.98 -19.36 -5.09
CA ARG B 197 29.95 -19.37 -5.14
CA ARG B 197 29.93 -19.36 -5.15
C ARG B 197 31.18 -18.64 -5.70
C ARG B 197 31.17 -18.68 -5.76
C ARG B 197 31.16 -18.67 -5.73
N ALA B 198 30.94 -17.64 -6.54
CA ALA B 198 32.05 -17.01 -7.29
C ALA B 198 32.98 -16.29 -6.33
N GLY B 199 32.52 -15.95 -5.12
CA GLY B 199 33.34 -15.29 -4.13
C GLY B 199 34.12 -16.16 -3.15
N LEU B 200 33.93 -17.46 -3.26
CA LEU B 200 34.43 -18.41 -2.27
C LEU B 200 35.53 -19.25 -2.91
N PRO B 201 36.42 -19.78 -2.09
CA PRO B 201 37.39 -20.72 -2.65
C PRO B 201 36.71 -21.90 -3.32
N THR B 202 37.34 -22.37 -4.40
CA THR B 202 36.76 -23.41 -5.19
C THR B 202 36.59 -24.71 -4.42
N SER B 203 37.45 -24.96 -3.44
CA SER B 203 37.39 -26.19 -2.70
C SER B 203 36.18 -26.31 -1.80
N TRP B 204 35.54 -25.19 -1.48
CA TRP B 204 34.40 -25.21 -0.58
C TRP B 204 33.14 -25.72 -1.28
N THR B 205 32.30 -26.45 -0.55
CA THR B 205 31.10 -27.02 -1.15
C THR B 205 29.93 -26.09 -0.82
N VAL B 206 29.08 -25.83 -1.81
CA VAL B 206 27.98 -24.86 -1.69
C VAL B 206 26.70 -25.48 -2.17
N GLY B 207 25.63 -25.28 -1.42
CA GLY B 207 24.29 -25.45 -1.97
C GLY B 207 23.56 -24.12 -1.87
N ASP B 208 22.89 -23.69 -2.92
CA ASP B 208 22.35 -22.34 -2.93
C ASP B 208 21.08 -22.25 -3.73
N LYS B 209 20.36 -21.16 -3.52
CA LYS B 209 19.27 -20.78 -4.41
C LYS B 209 19.38 -19.31 -4.73
N THR B 210 19.37 -18.97 -6.01
CA THR B 210 19.46 -17.58 -6.49
C THR B 210 18.06 -17.00 -6.63
N GLY B 211 18.01 -15.70 -6.86
CA GLY B 211 16.77 -15.06 -7.27
C GLY B 211 17.03 -13.76 -8.00
N SER B 212 16.10 -13.43 -8.91
N SER B 212 16.15 -13.39 -8.91
CA SER B 212 16.19 -12.20 -9.72
CA SER B 212 16.19 -12.05 -9.43
C SER B 212 14.80 -11.55 -9.78
C SER B 212 14.84 -11.56 -9.86
N GLY B 213 14.76 -10.24 -10.00
CA GLY B 213 13.51 -9.58 -10.26
C GLY B 213 13.75 -8.20 -10.79
N ASP B 214 12.64 -7.45 -10.76
CA ASP B 214 12.74 -6.06 -11.18
C ASP B 214 13.58 -5.26 -10.19
N TYR B 215 13.91 -4.01 -10.52
CA TYR B 215 14.79 -3.18 -9.72
C TYR B 215 16.16 -3.82 -9.59
N GLY B 216 16.54 -4.57 -10.62
CA GLY B 216 17.88 -5.11 -10.64
C GLY B 216 18.12 -6.04 -9.46
N THR B 217 17.07 -6.68 -8.98
CA THR B 217 17.18 -7.45 -7.73
C THR B 217 17.96 -8.71 -8.05
N THR B 218 18.96 -8.98 -7.24
CA THR B 218 19.89 -10.05 -7.46
C THR B 218 20.18 -10.65 -6.09
N ASN B 219 19.75 -11.89 -5.86
CA ASN B 219 19.81 -12.50 -4.54
C ASN B 219 20.45 -13.88 -4.62
N ASP B 220 20.94 -14.34 -3.48
CA ASP B 220 21.41 -15.71 -3.33
C ASP B 220 21.40 -16.08 -1.85
N ILE B 221 20.96 -17.29 -1.55
CA ILE B 221 21.01 -17.81 -0.19
C ILE B 221 21.71 -19.16 -0.24
N ALA B 222 22.65 -19.40 0.67
CA ALA B 222 23.56 -20.54 0.55
C ALA B 222 23.85 -21.18 1.89
N VAL B 223 24.05 -22.49 1.84
N VAL B 223 24.01 -22.49 1.85
CA VAL B 223 24.73 -23.22 2.89
CA VAL B 223 24.77 -23.19 2.86
C VAL B 223 26.06 -23.72 2.36
C VAL B 223 26.11 -23.58 2.29
N ILE B 224 27.12 -23.50 3.15
CA ILE B 224 28.50 -23.57 2.68
C ILE B 224 29.25 -24.47 3.61
N TRP B 225 29.97 -25.43 3.05
CA TRP B 225 30.87 -26.26 3.84
C TRP B 225 32.32 -25.94 3.46
N PRO B 226 32.96 -25.02 4.19
CA PRO B 226 34.36 -24.69 3.91
C PRO B 226 35.26 -25.88 4.18
N GLN B 227 36.32 -25.94 3.49
N GLN B 227 36.29 -25.91 3.56
CA GLN B 227 37.32 -27.01 3.63
CA GLN B 227 37.19 -27.05 3.69
C GLN B 227 37.78 -27.07 5.08
C GLN B 227 37.79 -27.10 5.07
N GLY B 228 37.55 -28.19 5.74
CA GLY B 228 38.05 -28.36 7.10
C GLY B 228 37.31 -27.61 8.20
N ARG B 229 36.17 -26.99 7.86
N ARG B 229 36.17 -27.00 7.87
CA ARG B 229 35.45 -26.15 8.82
CA ARG B 229 35.46 -26.16 8.84
C ARG B 229 33.98 -26.57 8.95
C ARG B 229 33.98 -26.53 8.94
N ALA B 230 33.36 -26.21 10.08
CA ALA B 230 31.91 -26.32 10.22
C ALA B 230 31.19 -25.42 9.24
N PRO B 231 29.95 -25.78 8.90
CA PRO B 231 29.30 -25.02 7.84
C PRO B 231 28.91 -23.60 8.19
N LEU B 232 28.72 -22.83 7.14
CA LEU B 232 28.22 -21.47 7.20
C LEU B 232 26.88 -21.40 6.52
N VAL B 233 26.08 -20.43 6.92
CA VAL B 233 24.90 -20.07 6.17
C VAL B 233 25.07 -18.62 5.79
N LEU B 234 24.83 -18.29 4.53
CA LEU B 234 25.05 -16.93 4.05
C LEU B 234 23.89 -16.50 3.16
N VAL B 235 23.32 -15.34 3.48
N VAL B 235 23.29 -15.38 3.48
CA VAL B 235 22.27 -14.69 2.67
CA VAL B 235 22.31 -14.78 2.59
C VAL B 235 22.87 -13.39 2.15
C VAL B 235 22.77 -13.39 2.15
N THR B 236 22.73 -13.18 0.84
CA THR B 236 23.12 -11.92 0.20
C THR B 236 21.96 -11.47 -0.66
N TYR B 237 21.38 -10.33 -0.33
N TYR B 237 21.31 -10.38 -0.29
CA TYR B 237 20.25 -9.78 -1.04
CA TYR B 237 20.28 -9.79 -1.12
C TYR B 237 20.68 -8.40 -1.60
C TYR B 237 20.81 -8.48 -1.69
N PHE B 238 20.28 -8.07 -2.84
CA PHE B 238 20.71 -6.84 -3.44
C PHE B 238 19.61 -6.31 -4.32
N THR B 239 19.31 -5.01 -4.21
CA THR B 239 18.31 -4.42 -5.05
C THR B 239 18.68 -2.96 -5.34
N GLN B 240 18.10 -2.39 -6.38
CA GLN B 240 18.63 -1.16 -6.98
C GLN B 240 17.52 -0.14 -7.20
N PRO B 241 17.90 1.15 -7.44
CA PRO B 241 16.86 2.19 -7.52
C PRO B 241 15.99 2.17 -8.77
N GLN B 242 16.53 1.72 -9.88
N GLN B 242 16.54 1.67 -9.87
CA GLN B 242 15.83 1.81 -11.15
CA GLN B 242 15.90 1.77 -11.17
C GLN B 242 15.14 0.50 -11.47
C GLN B 242 15.15 0.48 -11.49
N GLN B 243 13.89 0.60 -11.90
CA GLN B 243 13.08 -0.60 -12.18
C GLN B 243 13.75 -1.53 -13.19
N ASN B 244 14.47 -0.94 -14.12
N ASN B 244 14.37 -0.98 -14.24
CA ASN B 244 15.01 -1.67 -15.26
CA ASN B 244 15.02 -1.82 -15.25
C ASN B 244 16.49 -2.00 -15.07
C ASN B 244 16.52 -1.89 -15.08
N ALA B 245 17.00 -1.86 -13.84
CA ALA B 245 18.42 -2.05 -13.59
C ALA B 245 18.86 -3.46 -14.00
N GLU B 246 20.14 -3.56 -14.37
CA GLU B 246 20.77 -4.84 -14.70
C GLU B 246 20.98 -5.70 -13.46
N SER B 247 21.06 -7.03 -13.65
CA SER B 247 21.50 -7.88 -12.56
C SER B 247 22.96 -7.61 -12.20
N ARG B 248 23.30 -7.81 -10.94
CA ARG B 248 24.64 -7.59 -10.42
C ARG B 248 25.09 -8.77 -9.57
N ARG B 249 25.23 -9.93 -10.21
N ARG B 249 25.23 -9.93 -10.21
CA ARG B 249 25.67 -11.10 -9.49
CA ARG B 249 25.65 -11.12 -9.49
C ARG B 249 27.07 -10.92 -8.92
C ARG B 249 27.07 -10.94 -8.94
N ASP B 250 27.86 -10.08 -9.57
CA ASP B 250 29.22 -9.76 -9.09
C ASP B 250 29.22 -9.13 -7.72
N VAL B 251 28.17 -8.39 -7.39
CA VAL B 251 28.08 -7.77 -6.06
C VAL B 251 27.88 -8.83 -4.97
N LEU B 252 27.11 -9.86 -5.29
CA LEU B 252 26.93 -10.96 -4.33
C LEU B 252 28.24 -11.71 -4.16
N ALA B 253 28.93 -11.97 -5.28
CA ALA B 253 30.23 -12.62 -5.21
C ALA B 253 31.23 -11.79 -4.38
N SER B 254 31.21 -10.48 -4.59
CA SER B 254 32.07 -9.58 -3.83
C SER B 254 31.76 -9.61 -2.34
N ALA B 255 30.48 -9.63 -1.99
CA ALA B 255 30.09 -9.73 -0.58
C ALA B 255 30.57 -11.02 0.05
N ALA B 256 30.40 -12.13 -0.67
CA ALA B 256 30.87 -13.42 -0.20
C ALA B 256 32.38 -13.43 -0.02
N ARG B 257 33.11 -12.82 -0.93
CA ARG B 257 34.58 -12.77 -0.84
C ARG B 257 35.03 -11.99 0.40
N ILE B 258 34.36 -10.89 0.69
CA ILE B 258 34.61 -10.12 1.92
C ILE B 258 34.38 -10.96 3.16
N ILE B 259 33.25 -11.65 3.20
CA ILE B 259 32.91 -12.53 4.33
C ILE B 259 33.96 -13.62 4.46
N ALA B 260 34.38 -14.20 3.34
CA ALA B 260 35.27 -15.36 3.42
C ALA B 260 36.64 -14.95 3.93
N GLU B 261 37.09 -13.78 3.51
N GLU B 261 37.13 -13.81 3.47
CA GLU B 261 38.43 -13.31 3.86
CA GLU B 261 38.44 -13.34 3.90
C GLU B 261 38.42 -12.74 5.29
C GLU B 261 38.41 -12.96 5.37
N GLY B 262 37.22 -12.58 5.85
CA GLY B 262 37.05 -12.21 7.26
C GLY B 262 36.85 -13.39 8.20
N LEU B 263 36.85 -14.60 7.64
CA LEU B 263 36.73 -15.82 8.43
C LEU B 263 38.07 -16.09 9.10
C1 GLC C . -32.87 14.43 -4.01
C2 GLC C . -33.29 13.36 -5.00
C3 GLC C . -34.06 12.26 -4.28
C4 GLC C . -33.14 11.70 -3.20
C5 GLC C . -32.71 12.83 -2.26
C6 GLC C . -31.74 12.29 -1.21
O2 GLC C . -34.14 13.94 -5.98
O3 GLC C . -34.48 11.22 -5.17
O4 GLC C . -33.83 10.70 -2.45
O5 GLC C . -32.05 13.86 -2.98
O6 GLC C . -30.57 11.77 -1.82
C1 FRU C . -34.42 16.94 -4.66
C2 FRU C . -34.03 16.41 -3.31
C3 FRU C . -35.00 16.79 -2.21
C4 FRU C . -34.09 16.72 -1.01
C5 FRU C . -32.84 17.42 -1.52
C6 FRU C . -31.55 17.04 -0.79
O1 FRU C . -34.29 18.37 -4.59
O2 FRU C . -34.00 14.98 -3.37
O3 FRU C . -36.12 15.91 -2.12
O4 FRU C . -34.63 17.33 0.15
O5 FRU C . -32.78 17.00 -2.89
O6 FRU C . -31.30 15.64 -0.97
C1 GLC D . 13.07 -10.49 -17.29
C2 GLC D . 13.09 -9.03 -17.70
C3 GLC D . 14.32 -8.78 -18.59
C4 GLC D . 15.60 -9.26 -17.88
C5 GLC D . 15.46 -10.71 -17.44
C6 GLC D . 16.67 -11.21 -16.64
O2 GLC D . 11.88 -8.67 -18.37
O3 GLC D . 14.40 -7.39 -18.90
O4 GLC D . 16.76 -9.12 -18.71
O5 GLC D . 14.28 -10.83 -16.61
O6 GLC D . 16.84 -10.39 -15.47
C1 FRU D . 10.64 -11.74 -18.68
C2 FRU D . 12.01 -12.34 -18.45
C3 FRU D . 12.35 -13.34 -19.53
C4 FRU D . 13.33 -14.23 -18.78
C5 FRU D . 12.63 -14.36 -17.45
C6 FRU D . 13.53 -14.71 -16.28
O1 FRU D . 9.67 -12.74 -18.38
O2 FRU D . 13.00 -11.30 -18.46
O3 FRU D . 12.89 -12.71 -20.69
O4 FRU D . 13.62 -15.45 -19.42
O5 FRU D . 12.06 -13.06 -17.22
O6 FRU D . 14.46 -13.64 -16.09
C1 GLC E . 25.52 0.23 -17.67
C2 GLC E . 24.78 -0.55 -18.73
C3 GLC E . 24.88 -2.04 -18.43
C4 GLC E . 26.35 -2.44 -18.27
C5 GLC E . 27.03 -1.55 -17.24
C6 GLC E . 28.49 -1.94 -16.98
O2 GLC E . 23.42 -0.13 -18.77
O3 GLC E . 24.34 -2.86 -19.48
O4 GLC E . 26.47 -3.80 -17.85
O5 GLC E . 26.90 -0.19 -17.63
O6 GLC E . 29.33 -1.71 -18.13
C1 FRU E . 23.46 1.88 -15.94
C2 FRU E . 24.74 1.15 -15.56
C3 FRU E . 24.85 0.68 -14.13
C4 FRU E . 26.36 0.55 -13.98
C5 FRU E . 26.80 1.81 -14.71
C6 FRU E . 28.19 1.67 -15.33
O1 FRU E . 23.47 3.18 -15.34
O2 FRU E . 24.91 0.01 -16.39
O3 FRU E . 24.15 -0.56 -13.91
O4 FRU E . 26.81 0.45 -12.63
O5 FRU E . 25.83 2.05 -15.74
O6 FRU E . 28.50 2.86 -16.05
K K F . -28.93 10.81 -4.85
P PO4 G . -15.77 19.62 -21.67
O1 PO4 G . -15.54 20.80 -20.77
O2 PO4 G . -16.59 20.09 -22.84
O3 PO4 G . -16.47 18.53 -20.89
O4 PO4 G . -14.44 19.11 -22.18
P PO4 H . -31.34 8.41 -0.85
O1 PO4 H . -30.29 9.43 -1.14
O2 PO4 H . -32.46 8.54 -1.87
O3 PO4 H . -31.86 8.70 0.54
O4 PO4 H . -30.80 7.01 -0.92
RU JSC I . -30.80 17.33 -8.76
C11 JSC I . -32.21 19.00 -8.80
C12 JSC I . -32.47 18.17 -9.87
C13 JSC I . -32.82 16.98 -9.36
C14 JSC I . -32.81 17.03 -8.03
C15 JSC I . -32.43 18.26 -7.64
C16 JSC I . -28.77 17.74 -9.45
C17 JSC I . -28.81 17.82 -8.09
C18 JSC I . -29.16 16.57 -7.56
C19 JSC I . -29.32 15.73 -8.66
C20 JSC I . -29.09 16.46 -9.81
C24 JSC I . -29.37 16.25 -6.10
C25 JSC I . -29.34 17.44 -5.16
C26 JSC I . -28.63 17.04 -3.87
C27 JSC I . -28.50 18.25 -2.93
O28 JSC I . -29.57 15.16 -5.69
O29 JSC I . -28.91 19.30 -3.18
N30 JSC I . -27.84 18.01 -1.82
C31 JSC I . -27.60 19.08 -0.84
C32 JSC I . -26.35 19.84 -1.19
N33 JSC I . -26.24 17.85 0.75
C34 JSC I . -27.47 18.57 0.61
O38 JSC I . -26.00 20.08 -2.31
S49 JSC I . -28.76 17.48 1.18
C50 JSC I . -27.60 16.46 2.08
C51 JSC I . -26.34 16.49 1.18
C52 JSC I . -27.36 17.04 3.50
C53 JSC I . -28.16 15.03 2.16
C63 JSC I . -25.11 16.08 1.91
O64 JSC I . -24.38 16.84 2.43
O65 JSC I . -24.88 14.83 1.93
O67 JSC I . -25.63 20.36 -0.21
RU JSD J . -30.80 17.33 -8.76
C11 JSD J . -32.21 19.00 -8.80
C12 JSD J . -32.47 18.17 -9.87
C13 JSD J . -32.82 16.98 -9.36
C14 JSD J . -32.81 17.03 -8.03
C15 JSD J . -32.43 18.26 -7.64
C16 JSD J . -28.77 17.74 -9.45
C17 JSD J . -28.81 17.82 -8.09
C18 JSD J . -29.16 16.57 -7.56
C19 JSD J . -29.31 15.73 -8.65
C20 JSD J . -29.09 16.46 -9.81
C24 JSD J . -29.37 16.25 -6.10
C25 JSD J . -29.34 17.44 -5.16
C26 JSD J . -28.63 17.04 -3.87
C27 JSD J . -28.50 18.25 -2.93
O28 JSD J . -29.57 15.16 -5.69
O29 JSD J . -28.91 19.30 -3.18
N30 JSD J . -27.84 18.01 -1.82
C31 JSD J . -27.66 19.08 -0.82
N33 JSD J . -26.24 17.85 0.74
C34 JSD J . -27.47 18.58 0.62
S49 JSD J . -28.76 17.48 1.18
C50 JSD J . -27.60 16.46 2.08
C51 JSD J . -26.34 16.49 1.18
C52 JSD J . -27.36 17.04 3.50
C53 JSD J . -28.16 15.03 2.16
C63 JSD J . -25.11 16.08 1.91
O64 JSD J . -24.38 16.84 2.43
O65 JSD J . -24.88 14.83 1.93
K K K . 15.88 -7.80 -13.51
P PO4 L . 19.90 -8.95 -16.68
O1 PO4 L . 20.90 -7.91 -16.29
O2 PO4 L . 18.74 -8.27 -17.39
O3 PO4 L . 19.33 -9.75 -15.53
O4 PO4 L . 20.53 -9.91 -17.65
P PO4 M . 22.43 -33.47 13.49
O1 PO4 M . 21.85 -32.40 14.39
O2 PO4 M . 23.71 -33.99 14.10
O3 PO4 M . 22.68 -32.88 12.12
O4 PO4 M . 21.44 -34.62 13.45
RU JSC N . 8.29 -9.32 -14.29
C11 JSC N . 8.61 -9.39 -16.43
C12 JSC N . 8.08 -10.59 -16.05
C13 JSC N . 6.82 -10.36 -15.55
C14 JSC N . 6.58 -8.99 -15.59
C15 JSC N . 7.70 -8.39 -16.15
C16 JSC N . 8.48 -8.13 -12.47
C17 JSC N . 9.73 -8.41 -12.97
C18 JSC N . 9.91 -9.81 -12.95
C19 JSC N . 8.71 -10.33 -12.43
C20 JSC N . 7.86 -9.31 -12.16
C24 JSC N . 11.09 -10.60 -13.45
C25 JSC N . 10.90 -12.10 -13.51
C26 JSC N . 12.14 -12.79 -12.97
C27 JSC N . 11.99 -14.30 -12.92
O28 JSC N . 12.12 -10.09 -13.76
O29 JSC N . 11.01 -14.84 -13.29
N30 JSC N . 13.02 -14.96 -12.44
C31 JSC N . 12.98 -16.42 -12.34
C32 JSC N . 12.30 -16.82 -11.05
N33 JSC N . 15.18 -16.83 -11.34
C34 JSC N . 14.35 -17.14 -12.50
O38 JSC N . 11.38 -16.23 -10.55
S49 JSC N . 15.34 -16.62 -13.89
C50 JSC N . 16.86 -16.72 -13.02
C51 JSC N . 16.47 -16.25 -11.63
C52 JSC N . 17.88 -15.75 -13.66
C53 JSC N . 17.42 -18.18 -12.99
C63 JSC N . 17.50 -16.66 -10.65
O64 JSC N . 18.56 -16.14 -10.62
O65 JSC N . 17.26 -17.59 -9.83
O67 JSC N . 12.67 -17.92 -10.45
RU RU O . 14.95 -33.04 -13.36
RU JSD P . 8.29 -9.32 -14.29
C11 JSD P . 6.58 -8.99 -15.59
C12 JSD P . 7.70 -8.39 -16.15
C13 JSD P . 8.60 -9.39 -16.42
C14 JSD P . 8.08 -10.59 -16.05
C15 JSD P . 6.83 -10.36 -15.54
C16 JSD P . 8.48 -8.13 -12.47
C17 JSD P . 9.73 -8.41 -12.97
C18 JSD P . 9.91 -9.81 -12.95
C19 JSD P . 8.71 -10.33 -12.43
C20 JSD P . 7.86 -9.31 -12.16
C24 JSD P . 11.09 -10.60 -13.45
C25 JSD P . 10.90 -12.10 -13.51
C26 JSD P . 12.14 -12.79 -12.97
C27 JSD P . 11.98 -14.31 -12.92
O28 JSD P . 12.12 -10.09 -13.76
O29 JSD P . 11.01 -14.84 -13.29
N30 JSD P . 13.01 -14.97 -12.44
C31 JSD P . 12.98 -16.44 -12.38
N33 JSD P . 15.16 -16.83 -11.35
C34 JSD P . 14.35 -17.15 -12.51
S49 JSD P . 15.34 -16.62 -13.90
C50 JSD P . 16.86 -16.72 -13.01
C51 JSD P . 16.45 -16.27 -11.62
C52 JSD P . 17.87 -15.75 -13.66
C53 JSD P . 17.42 -18.18 -12.99
C63 JSD P . 17.46 -16.70 -10.62
O64 JSD P . 17.26 -17.55 -9.84
O65 JSD P . 18.61 -16.12 -10.62
#